data_7VHF
#
_entry.id   7VHF
#
_cell.length_a   146.171
_cell.length_b   146.171
_cell.length_c   60.514
_cell.angle_alpha   90.00
_cell.angle_beta   90.00
_cell.angle_gamma   120.00
#
_symmetry.space_group_name_H-M   'P 61'
#
loop_
_entity.id
_entity.type
_entity.pdbx_description
1 polymer 'rRNA N-glycosylase'
2 polymer 'Shiga toxin 2 B subunit'
3 polymer 'RRA peptide'
4 non-polymer 3-PYRIDINIUM-1-YLPROPANE-1-SULFONATE
5 non-polymer GLYCEROL
6 water water
#
loop_
_entity_poly.entity_id
_entity_poly.type
_entity_poly.pdbx_seq_one_letter_code
_entity_poly.pdbx_strand_id
1 'polypeptide(L)'
;REFTIDFSTQQSYVSSLNSIRTEISTPLEHISQGTTSVSVINHTPPGSYFAVDIRGLDVYQARFDHLRLIIEQNNLYVAG
FVNTATNTFYRFSDFTHISVPGVTTVSMTTDSSYTTLQRVAALERSGMQISRHSLVSSYLALMEFSGNTMTRDASRAVLR
FVTVTAEALRFRQIQREFRQALSETAPVYTMTPGDVDLTLNWGRISNVLPEYRGEDGVRVGRISFNNISAILGTVAVILN
CHHQGARSVRAVNEESQPECQITGDRPVIKINNTLWESNTAAAFLNRKSQFLYTTGK
;
A
2 'polypeptide(L)' ADCAKGKIEFSKYNEDDTFTVKVDGKEYWTSRWNLQPLLQSAQLTGMTVTIKSSTCESGSGFAEVQFNND B,C,D,E,F
3 'polypeptide(L)' RRA(NH2) G
#
loop_
_chem_comp.id
_chem_comp.type
_chem_comp.name
_chem_comp.formula
1PS non-polymer 3-PYRIDINIUM-1-YLPROPANE-1-SULFONATE 'C8 H11 N O3 S'
GOL non-polymer GLYCEROL 'C3 H8 O3'
NH2 non-polymer 'AMINO GROUP' 'H2 N'
#
# COMPACT_ATOMS: atom_id res chain seq x y z
N ARG A 1 -29.53 18.47 -2.87
CA ARG A 1 -29.85 17.54 -1.79
C ARG A 1 -29.19 17.99 -0.49
N GLU A 2 -29.98 18.14 0.56
CA GLU A 2 -29.49 18.55 1.87
C GLU A 2 -29.80 17.47 2.88
N PHE A 3 -28.86 17.23 3.79
CA PHE A 3 -29.02 16.31 4.89
C PHE A 3 -28.56 16.98 6.17
N THR A 4 -29.09 16.52 7.29
CA THR A 4 -28.64 17.00 8.59
C THR A 4 -27.80 15.90 9.21
N ILE A 5 -26.66 16.27 9.80
CA ILE A 5 -26.00 15.39 10.74
C ILE A 5 -26.19 15.97 12.13
N ASP A 6 -26.90 15.25 12.97
CA ASP A 6 -27.33 15.77 14.26
C ASP A 6 -26.47 15.08 15.32
N PHE A 7 -25.65 15.86 16.02
CA PHE A 7 -24.71 15.35 17.01
C PHE A 7 -25.31 15.25 18.41
N SER A 8 -26.64 15.36 18.53
CA SER A 8 -27.25 15.42 19.85
C SER A 8 -26.94 14.17 20.67
N THR A 9 -27.12 13.01 20.08
CA THR A 9 -26.93 11.74 20.77
C THR A 9 -26.25 10.77 19.82
N GLN A 10 -25.82 9.63 20.35
CA GLN A 10 -25.29 8.61 19.47
C GLN A 10 -26.37 8.15 18.50
N GLN A 11 -27.59 7.99 19.00
CA GLN A 11 -28.72 7.64 18.14
C GLN A 11 -28.90 8.64 17.01
N SER A 12 -28.96 9.93 17.34
CA SER A 12 -29.27 10.90 16.28
C SER A 12 -28.12 10.97 15.27
N TYR A 13 -26.89 10.82 15.75
CA TYR A 13 -25.73 10.90 14.87
C TYR A 13 -25.67 9.72 13.91
N VAL A 14 -25.75 8.50 14.45
CA VAL A 14 -25.72 7.32 13.60
C VAL A 14 -26.93 7.31 12.66
N SER A 15 -28.11 7.68 13.16
CA SER A 15 -29.27 7.82 12.29
C SER A 15 -28.99 8.75 11.12
N SER A 16 -28.40 9.92 11.40
CA SER A 16 -28.08 10.88 10.34
C SER A 16 -27.17 10.27 9.28
N LEU A 17 -26.09 9.63 9.75
CA LEU A 17 -25.15 9.03 8.80
C LEU A 17 -25.82 7.94 7.97
N ASN A 18 -26.60 7.08 8.62
CA ASN A 18 -27.27 5.99 7.89
C ASN A 18 -28.21 6.55 6.83
N SER A 19 -28.93 7.63 7.15
CA SER A 19 -29.85 8.21 6.16
C SER A 19 -29.10 8.74 4.95
N ILE A 20 -27.97 9.42 5.20
CA ILE A 20 -27.15 9.89 4.08
C ILE A 20 -26.72 8.71 3.22
N ARG A 21 -26.16 7.68 3.86
CA ARG A 21 -25.66 6.54 3.11
C ARG A 21 -26.76 5.91 2.27
N THR A 22 -27.95 5.74 2.86
CA THR A 22 -29.05 5.15 2.11
C THR A 22 -29.36 5.97 0.87
N GLU A 23 -29.31 7.30 0.99
CA GLU A 23 -29.69 8.12 -0.15
C GLU A 23 -28.63 8.16 -1.23
N ILE A 24 -27.35 8.10 -0.89
CA ILE A 24 -26.31 8.39 -1.88
C ILE A 24 -25.59 7.15 -2.39
N SER A 25 -25.94 5.96 -1.89
CA SER A 25 -25.15 4.78 -2.22
C SER A 25 -26.04 3.54 -2.26
N THR A 26 -25.48 2.47 -2.82
CA THR A 26 -26.20 1.21 -3.01
C THR A 26 -25.39 0.05 -2.46
N PRO A 27 -25.98 -0.82 -1.64
CA PRO A 27 -25.22 -1.91 -1.03
C PRO A 27 -24.57 -2.83 -2.04
N LEU A 28 -23.37 -3.28 -1.71
CA LEU A 28 -22.75 -4.40 -2.43
C LEU A 28 -23.53 -5.67 -2.17
N GLU A 29 -23.82 -6.41 -3.25
CA GLU A 29 -24.53 -7.68 -3.11
C GLU A 29 -23.89 -8.58 -2.08
N HIS A 30 -22.55 -8.66 -2.08
CA HIS A 30 -21.86 -9.66 -1.27
C HIS A 30 -21.33 -9.13 0.05
N ILE A 31 -21.60 -7.87 0.39
CA ILE A 31 -21.19 -7.34 1.68
C ILE A 31 -22.36 -6.57 2.28
N SER A 32 -23.40 -7.29 2.67
CA SER A 32 -24.62 -6.63 3.12
C SER A 32 -25.35 -7.57 4.05
N GLN A 33 -25.72 -7.06 5.22
CA GLN A 33 -26.53 -7.79 6.19
C GLN A 33 -27.62 -6.85 6.68
N GLY A 34 -28.86 -7.31 6.63
CA GLY A 34 -29.96 -6.40 6.94
C GLY A 34 -29.83 -5.14 6.12
N THR A 35 -29.87 -3.99 6.77
CA THR A 35 -29.64 -2.71 6.11
C THR A 35 -28.30 -2.11 6.49
N THR A 36 -27.32 -2.94 6.80
CA THR A 36 -25.96 -2.51 7.16
C THR A 36 -25.03 -3.13 6.14
N SER A 37 -24.39 -2.29 5.32
CA SER A 37 -23.65 -2.82 4.19
C SER A 37 -22.37 -2.02 4.00
N VAL A 38 -21.54 -2.52 3.10
CA VAL A 38 -20.60 -1.67 2.37
C VAL A 38 -21.35 -1.27 1.11
N SER A 39 -21.48 0.04 0.90
CA SER A 39 -22.28 0.56 -0.20
C SER A 39 -21.38 1.35 -1.14
N VAL A 40 -21.75 1.33 -2.41
CA VAL A 40 -21.03 2.02 -3.47
C VAL A 40 -21.76 3.31 -3.77
N ILE A 41 -21.02 4.44 -3.79
CA ILE A 41 -21.65 5.72 -4.10
C ILE A 41 -22.30 5.67 -5.48
N ASN A 42 -23.59 6.02 -5.54
CA ASN A 42 -24.27 6.03 -6.83
C ASN A 42 -23.66 7.09 -7.74
N HIS A 43 -23.58 6.77 -9.03
CA HIS A 43 -22.95 7.70 -9.94
C HIS A 43 -23.74 9.00 -10.02
N THR A 44 -23.04 10.12 -9.89
CA THR A 44 -23.57 11.44 -10.16
C THR A 44 -22.62 12.12 -11.12
N PRO A 45 -23.09 13.12 -11.85
CA PRO A 45 -22.21 13.82 -12.77
C PRO A 45 -21.12 14.54 -12.01
N PRO A 46 -19.98 14.78 -12.65
CA PRO A 46 -18.89 15.50 -11.97
C PRO A 46 -19.32 16.89 -11.54
N GLY A 47 -18.95 17.27 -10.31
CA GLY A 47 -19.36 18.53 -9.74
C GLY A 47 -20.62 18.48 -8.90
N SER A 48 -21.31 17.34 -8.89
CA SER A 48 -22.49 17.18 -8.06
C SER A 48 -22.10 17.18 -6.59
N TYR A 49 -22.90 17.86 -5.76
CA TYR A 49 -22.60 17.91 -4.33
C TYR A 49 -23.90 17.70 -3.57
N PHE A 50 -23.75 17.39 -2.29
CA PHE A 50 -24.86 17.49 -1.35
C PHE A 50 -24.40 18.34 -0.17
N ALA A 51 -25.37 18.92 0.51
CA ALA A 51 -25.11 19.79 1.65
C ALA A 51 -25.39 19.02 2.93
N VAL A 52 -24.58 19.28 3.95
CA VAL A 52 -24.77 18.71 5.28
C VAL A 52 -24.94 19.86 6.27
N ASP A 53 -26.10 19.94 6.90
CA ASP A 53 -26.31 20.92 7.95
C ASP A 53 -25.88 20.30 9.28
N ILE A 54 -25.00 20.98 10.00
CA ILE A 54 -24.52 20.50 11.29
C ILE A 54 -25.50 20.94 12.36
N ARG A 55 -26.00 19.97 13.14
CA ARG A 55 -26.97 20.25 14.19
C ARG A 55 -26.58 19.50 15.46
N GLY A 56 -27.19 19.92 16.57
CA GLY A 56 -27.09 19.15 17.79
C GLY A 56 -25.75 19.23 18.49
N LEU A 57 -24.90 20.20 18.15
CA LEU A 57 -23.66 20.37 18.89
C LEU A 57 -23.93 20.63 20.36
N ASP A 58 -24.95 21.43 20.64
CA ASP A 58 -25.54 21.54 21.97
C ASP A 58 -26.78 20.65 21.94
N VAL A 59 -26.77 19.59 22.74
CA VAL A 59 -27.73 18.49 22.62
C VAL A 59 -29.15 19.00 22.50
N TYR A 60 -29.79 18.68 21.36
CA TYR A 60 -31.22 18.94 21.10
C TYR A 60 -31.57 20.42 21.11
N GLN A 61 -30.59 21.32 21.01
CA GLN A 61 -30.83 22.75 21.06
C GLN A 61 -30.69 23.35 19.66
N ALA A 62 -31.61 24.27 19.32
CA ALA A 62 -31.53 24.98 18.04
C ALA A 62 -30.59 26.18 18.21
N ARG A 63 -29.32 25.86 18.41
CA ARG A 63 -28.25 26.85 18.41
C ARG A 63 -27.02 26.22 17.80
N PHE A 64 -26.00 27.03 17.58
CA PHE A 64 -24.83 26.58 16.85
C PHE A 64 -25.25 25.93 15.54
N ASP A 65 -26.18 26.59 14.84
CA ASP A 65 -26.86 25.97 13.71
C ASP A 65 -26.61 26.69 12.40
N HIS A 66 -25.46 27.35 12.24
CA HIS A 66 -25.20 28.10 11.00
C HIS A 66 -24.11 27.48 10.15
N LEU A 67 -23.64 26.28 10.47
CA LEU A 67 -22.59 25.64 9.70
C LEU A 67 -23.19 24.59 8.77
N ARG A 68 -22.83 24.70 7.49
CA ARG A 68 -23.15 23.69 6.51
C ARG A 68 -21.87 23.26 5.82
N LEU A 69 -21.73 21.98 5.52
CA LEU A 69 -20.61 21.47 4.75
C LEU A 69 -21.08 21.18 3.34
N ILE A 70 -20.24 21.48 2.35
CA ILE A 70 -20.55 21.13 0.97
C ILE A 70 -19.69 19.94 0.63
N ILE A 71 -20.30 18.83 0.20
CA ILE A 71 -19.61 17.57 0.01
C ILE A 71 -19.77 17.13 -1.43
N GLU A 72 -18.66 16.98 -2.13
CA GLU A 72 -18.72 16.47 -3.50
C GLU A 72 -19.19 15.03 -3.46
N GLN A 73 -20.23 14.71 -4.22
CA GLN A 73 -20.95 13.49 -3.94
C GLN A 73 -20.17 12.26 -4.38
N ASN A 74 -19.48 12.34 -5.52
CA ASN A 74 -18.84 11.13 -6.04
C ASN A 74 -17.68 10.65 -5.20
N ASN A 75 -17.06 11.54 -4.40
CA ASN A 75 -15.87 11.17 -3.65
C ASN A 75 -15.96 11.51 -2.18
N LEU A 76 -17.07 12.10 -1.73
CA LEU A 76 -17.29 12.47 -0.33
C LEU A 76 -16.25 13.47 0.19
N TYR A 77 -15.54 14.18 -0.69
CA TYR A 77 -14.65 15.21 -0.21
C TYR A 77 -15.44 16.42 0.25
N VAL A 78 -15.01 17.02 1.35
CA VAL A 78 -15.57 18.30 1.75
C VAL A 78 -14.96 19.38 0.87
N ALA A 79 -15.81 20.04 0.07
CA ALA A 79 -15.36 21.08 -0.85
C ALA A 79 -15.18 22.41 -0.16
N GLY A 80 -15.73 22.55 1.04
CA GLY A 80 -15.70 23.80 1.76
C GLY A 80 -16.86 23.83 2.74
N PHE A 81 -17.02 24.99 3.37
CA PHE A 81 -18.03 25.17 4.40
C PHE A 81 -18.81 26.46 4.19
N VAL A 82 -20.06 26.44 4.58
CA VAL A 82 -20.98 27.57 4.43
C VAL A 82 -21.30 28.10 5.81
N ASN A 83 -21.10 29.40 5.98
CA ASN A 83 -21.66 30.17 7.08
C ASN A 83 -23.03 30.62 6.58
N THR A 84 -24.09 29.97 7.07
CA THR A 84 -25.44 30.33 6.61
C THR A 84 -25.92 31.63 7.24
N ALA A 85 -25.26 32.11 8.29
CA ALA A 85 -25.60 33.43 8.80
C ALA A 85 -25.15 34.53 7.85
N THR A 86 -23.95 34.39 7.29
CA THR A 86 -23.45 35.38 6.34
C THR A 86 -23.69 34.95 4.89
N ASN A 87 -24.29 33.78 4.67
CA ASN A 87 -24.54 33.23 3.34
C ASN A 87 -23.26 33.19 2.52
N THR A 88 -22.19 32.67 3.12
CA THR A 88 -20.88 32.63 2.46
C THR A 88 -20.33 31.21 2.43
N PHE A 89 -19.94 30.77 1.22
CA PHE A 89 -19.35 29.46 0.98
C PHE A 89 -17.83 29.65 0.83
N TYR A 90 -17.07 29.18 1.81
CA TYR A 90 -15.62 29.18 1.77
C TYR A 90 -15.19 27.87 1.13
N ARG A 91 -14.60 27.97 -0.07
CA ARG A 91 -14.38 26.83 -0.94
C ARG A 91 -12.89 26.59 -1.12
N PHE A 92 -12.46 25.35 -0.91
CA PHE A 92 -11.05 25.01 -1.06
C PHE A 92 -10.61 25.13 -2.51
N SER A 93 -9.32 25.37 -2.70
CA SER A 93 -8.82 25.69 -4.03
C SER A 93 -8.95 24.51 -4.99
N ASP A 94 -9.07 23.28 -4.47
CA ASP A 94 -9.18 22.12 -5.35
C ASP A 94 -10.62 21.81 -5.73
N PHE A 95 -11.54 22.75 -5.50
CA PHE A 95 -12.95 22.54 -5.78
C PHE A 95 -13.55 23.71 -6.53
N THR A 96 -12.77 24.35 -7.41
CA THR A 96 -13.32 25.44 -8.20
C THR A 96 -14.41 24.97 -9.16
N HIS A 97 -14.51 23.67 -9.40
CA HIS A 97 -15.58 23.12 -10.24
C HIS A 97 -16.89 22.91 -9.49
N ILE A 98 -16.92 23.15 -8.19
CA ILE A 98 -18.12 22.96 -7.37
C ILE A 98 -18.82 24.30 -7.27
N SER A 99 -19.98 24.42 -7.90
CA SER A 99 -20.74 25.66 -7.92
C SER A 99 -21.98 25.49 -7.08
N VAL A 100 -22.16 26.36 -6.09
CA VAL A 100 -23.30 26.35 -5.19
C VAL A 100 -24.13 27.61 -5.45
N PRO A 101 -25.39 27.51 -5.86
CA PRO A 101 -26.17 28.71 -6.13
C PRO A 101 -26.64 29.40 -4.85
N GLY A 102 -26.86 30.70 -4.96
CA GLY A 102 -27.47 31.47 -3.89
C GLY A 102 -26.53 31.96 -2.82
N VAL A 103 -25.31 31.45 -2.74
CA VAL A 103 -24.36 31.86 -1.72
C VAL A 103 -23.31 32.73 -2.37
N THR A 104 -22.64 33.53 -1.54
CA THR A 104 -21.39 34.16 -1.96
C THR A 104 -20.28 33.14 -1.84
N THR A 105 -19.63 32.81 -2.97
CA THR A 105 -18.52 31.86 -2.95
C THR A 105 -17.22 32.64 -2.76
N VAL A 106 -16.50 32.31 -1.69
CA VAL A 106 -15.15 32.78 -1.44
C VAL A 106 -14.20 31.67 -1.87
N SER A 107 -13.45 31.92 -2.95
CA SER A 107 -12.49 30.94 -3.45
C SER A 107 -11.19 31.07 -2.66
N MET A 108 -10.80 30.00 -2.00
CA MET A 108 -9.69 30.08 -1.07
C MET A 108 -8.38 29.71 -1.75
N THR A 109 -7.29 30.25 -1.22
CA THR A 109 -5.96 29.88 -1.66
C THR A 109 -5.55 28.51 -1.15
N THR A 110 -6.20 28.05 -0.08
CA THR A 110 -5.83 26.81 0.60
C THR A 110 -6.47 25.63 -0.10
N ASP A 111 -5.69 24.59 -0.36
CA ASP A 111 -6.26 23.34 -0.87
C ASP A 111 -6.68 22.46 0.30
N SER A 112 -7.51 21.45 -0.01
CA SER A 112 -8.12 20.63 1.02
C SER A 112 -7.32 19.38 1.39
N SER A 113 -6.11 19.19 0.86
CA SER A 113 -5.37 17.98 1.20
C SER A 113 -5.09 17.92 2.70
N TYR A 114 -5.04 16.70 3.23
CA TYR A 114 -4.70 16.56 4.63
C TYR A 114 -3.30 17.09 4.91
N THR A 115 -2.37 16.95 3.97
CA THR A 115 -1.03 17.52 4.16
C THR A 115 -1.12 19.02 4.45
N THR A 116 -1.83 19.75 3.58
CA THR A 116 -1.99 21.19 3.77
C THR A 116 -2.73 21.51 5.07
N LEU A 117 -3.85 20.83 5.32
CA LEU A 117 -4.67 21.18 6.47
C LEU A 117 -3.92 20.93 7.77
N GLN A 118 -3.20 19.81 7.85
CA GLN A 118 -2.42 19.50 9.04
C GLN A 118 -1.31 20.51 9.24
N ARG A 119 -0.69 20.96 8.15
CA ARG A 119 0.36 21.97 8.27
C ARG A 119 -0.21 23.28 8.79
N VAL A 120 -1.27 23.79 8.16
CA VAL A 120 -1.84 25.07 8.56
C VAL A 120 -2.40 24.97 9.98
N ALA A 121 -2.97 23.82 10.31
CA ALA A 121 -3.59 23.61 11.62
C ALA A 121 -2.57 23.40 12.71
N ALA A 122 -1.31 23.13 12.37
CA ALA A 122 -0.33 22.63 13.33
C ALA A 122 -0.96 21.53 14.18
N LEU A 123 -1.56 20.56 13.51
CA LEU A 123 -2.26 19.47 14.18
C LEU A 123 -2.20 18.23 13.31
N GLU A 124 -1.59 17.17 13.83
CA GLU A 124 -1.57 15.88 13.14
C GLU A 124 -2.84 15.09 13.45
N ARG A 125 -3.39 14.44 12.42
CA ARG A 125 -4.60 13.65 12.62
C ARG A 125 -4.35 12.48 13.56
N SER A 126 -3.19 11.82 13.44
CA SER A 126 -2.85 10.74 14.34
C SER A 126 -2.67 11.28 15.74
N GLY A 127 -3.59 10.91 16.64
CA GLY A 127 -3.61 11.45 17.99
C GLY A 127 -4.51 12.64 18.18
N MET A 128 -5.13 13.14 17.11
CA MET A 128 -6.08 14.23 17.20
C MET A 128 -7.24 13.88 18.12
N GLN A 129 -7.57 14.77 19.03
CA GLN A 129 -8.68 14.57 19.94
C GLN A 129 -9.91 15.30 19.42
N ILE A 130 -11.07 14.65 19.53
CA ILE A 130 -12.34 15.28 19.17
C ILE A 130 -13.33 15.00 20.27
N SER A 131 -14.01 16.04 20.72
CA SER A 131 -15.02 15.91 21.76
C SER A 131 -16.19 16.79 21.36
N ARG A 132 -17.31 16.63 22.05
CA ARG A 132 -18.39 17.58 21.84
C ARG A 132 -17.86 19.01 22.02
N HIS A 133 -17.05 19.21 23.06
CA HIS A 133 -16.54 20.55 23.35
C HIS A 133 -15.68 21.08 22.21
N SER A 134 -14.79 20.25 21.65
CA SER A 134 -13.97 20.76 20.57
C SER A 134 -14.74 20.88 19.27
N LEU A 135 -15.86 20.17 19.11
CA LEU A 135 -16.70 20.42 17.95
C LEU A 135 -17.43 21.75 18.09
N VAL A 136 -17.83 22.13 19.30
CA VAL A 136 -18.38 23.47 19.48
C VAL A 136 -17.33 24.53 19.19
N SER A 137 -16.11 24.31 19.71
CA SER A 137 -15.01 25.24 19.45
C SER A 137 -14.72 25.34 17.95
N SER A 138 -14.74 24.19 17.26
CA SER A 138 -14.53 24.18 15.81
C SER A 138 -15.63 24.95 15.10
N TYR A 139 -16.87 24.73 15.50
CA TYR A 139 -17.98 25.48 14.93
C TYR A 139 -17.76 26.97 15.07
N LEU A 140 -17.42 27.43 16.27
CA LEU A 140 -17.22 28.86 16.49
C LEU A 140 -16.07 29.38 15.65
N ALA A 141 -14.98 28.60 15.54
CA ALA A 141 -13.85 29.01 14.72
C ALA A 141 -14.28 29.20 13.27
N LEU A 142 -15.12 28.28 12.75
CA LEU A 142 -15.54 28.39 11.36
C LEU A 142 -16.52 29.54 11.15
N MET A 143 -17.35 29.83 12.15
CA MET A 143 -18.27 30.96 12.04
C MET A 143 -17.52 32.29 12.14
N GLU A 144 -16.40 32.31 12.86
CA GLU A 144 -15.60 33.53 12.96
C GLU A 144 -14.70 33.72 11.75
N PHE A 145 -14.47 32.67 10.98
CA PHE A 145 -13.51 32.73 9.89
C PHE A 145 -13.98 33.67 8.81
N SER A 146 -13.05 34.43 8.26
CA SER A 146 -13.29 35.30 7.13
C SER A 146 -12.03 35.30 6.29
N GLY A 147 -12.19 35.65 5.01
CA GLY A 147 -11.04 35.75 4.12
C GLY A 147 -10.89 34.56 3.21
N ASN A 148 -9.85 34.64 2.37
CA ASN A 148 -9.58 33.68 1.30
C ASN A 148 -8.52 32.65 1.67
N THR A 149 -7.97 32.70 2.87
CA THR A 149 -6.86 31.84 3.25
C THR A 149 -7.14 31.23 4.62
N MET A 150 -7.15 29.90 4.69
CA MET A 150 -7.43 29.21 5.94
C MET A 150 -6.45 29.62 7.03
N THR A 151 -6.98 29.86 8.23
CA THR A 151 -6.19 30.10 9.43
C THR A 151 -5.93 28.78 10.14
N ARG A 152 -5.12 28.85 11.21
CA ARG A 152 -4.84 27.65 12.00
C ARG A 152 -6.12 27.09 12.61
N ASP A 153 -6.90 27.95 13.27
CA ASP A 153 -8.09 27.46 13.97
C ASP A 153 -9.16 26.98 13.00
N ALA A 154 -9.31 27.66 11.86
CA ALA A 154 -10.26 27.18 10.85
C ALA A 154 -9.83 25.82 10.32
N SER A 155 -8.52 25.62 10.15
CA SER A 155 -8.03 24.33 9.66
C SER A 155 -8.23 23.22 10.69
N ARG A 156 -7.96 23.51 11.97
CA ARG A 156 -8.25 22.52 13.01
C ARG A 156 -9.72 22.13 13.00
N ALA A 157 -10.58 23.13 12.86
CA ALA A 157 -12.02 22.88 12.81
C ALA A 157 -12.38 21.99 11.64
N VAL A 158 -11.79 22.24 10.47
CA VAL A 158 -12.10 21.41 9.31
C VAL A 158 -11.58 19.98 9.51
N LEU A 159 -10.38 19.82 10.08
CA LEU A 159 -9.90 18.47 10.35
C LEU A 159 -10.87 17.71 11.23
N ARG A 160 -11.37 18.36 12.28
CA ARG A 160 -12.29 17.67 13.18
C ARG A 160 -13.62 17.36 12.49
N PHE A 161 -14.19 18.35 11.77
CA PHE A 161 -15.51 18.13 11.19
C PHE A 161 -15.46 17.15 10.03
N VAL A 162 -14.40 17.16 9.22
CA VAL A 162 -14.30 16.19 8.14
C VAL A 162 -14.20 14.79 8.71
N THR A 163 -13.45 14.63 9.82
CA THR A 163 -13.31 13.30 10.42
C THR A 163 -14.67 12.76 10.85
N VAL A 164 -15.47 13.59 11.53
CA VAL A 164 -16.72 13.06 12.10
C VAL A 164 -17.89 13.12 11.12
N THR A 165 -17.69 13.65 9.91
CA THR A 165 -18.77 13.61 8.94
C THR A 165 -18.39 12.72 7.77
N ALA A 166 -17.58 13.23 6.84
CA ALA A 166 -17.24 12.47 5.63
C ALA A 166 -16.48 11.18 5.96
N GLU A 167 -15.48 11.26 6.85
CA GLU A 167 -14.72 10.03 7.11
C GLU A 167 -15.56 9.00 7.86
N ALA A 168 -16.45 9.46 8.74
CA ALA A 168 -17.36 8.54 9.40
C ALA A 168 -18.39 7.98 8.44
N LEU A 169 -18.83 8.77 7.45
CA LEU A 169 -19.69 8.22 6.41
C LEU A 169 -19.00 7.07 5.69
N ARG A 170 -17.71 7.25 5.38
CA ARG A 170 -16.97 6.19 4.70
C ARG A 170 -16.74 4.99 5.60
N PHE A 171 -16.42 5.23 6.87
CA PHE A 171 -15.90 4.17 7.74
C PHE A 171 -16.76 4.04 8.98
N ARG A 172 -17.50 2.93 9.03
CA ARG A 172 -18.26 2.58 10.23
C ARG A 172 -17.36 2.49 11.45
N GLN A 173 -16.06 2.19 11.24
CA GLN A 173 -15.14 2.14 12.37
C GLN A 173 -15.01 3.50 13.03
N ILE A 174 -14.88 4.55 12.22
CA ILE A 174 -14.77 5.90 12.74
C ILE A 174 -16.10 6.35 13.33
N GLN A 175 -17.20 6.05 12.66
CA GLN A 175 -18.51 6.29 13.27
C GLN A 175 -18.60 5.71 14.68
N ARG A 176 -18.19 4.44 14.83
CA ARG A 176 -18.35 3.75 16.10
C ARG A 176 -17.45 4.32 17.17
N GLU A 177 -16.18 4.57 16.84
CA GLU A 177 -15.26 5.12 17.83
C GLU A 177 -15.62 6.55 18.20
N PHE A 178 -15.92 7.39 17.21
CA PHE A 178 -16.21 8.77 17.55
C PHE A 178 -17.51 8.90 18.34
N ARG A 179 -18.52 8.09 18.03
CA ARG A 179 -19.83 8.39 18.62
C ARG A 179 -19.84 8.30 20.14
N GLN A 180 -18.90 7.56 20.75
CA GLN A 180 -18.81 7.55 22.21
C GLN A 180 -18.66 8.96 22.78
N ALA A 181 -17.97 9.85 22.05
CA ALA A 181 -17.80 11.21 22.54
C ALA A 181 -19.12 11.96 22.68
N LEU A 182 -20.20 11.47 22.07
CA LEU A 182 -21.48 12.16 22.11
C LEU A 182 -22.32 11.78 23.31
N SER A 183 -21.89 10.79 24.07
CA SER A 183 -22.68 10.33 25.20
C SER A 183 -22.58 11.31 26.35
N GLU A 184 -23.45 11.12 27.35
CA GLU A 184 -23.49 12.01 28.50
C GLU A 184 -22.17 12.04 29.25
N THR A 185 -21.39 10.95 29.20
CA THR A 185 -20.07 10.96 29.81
C THR A 185 -19.15 11.97 29.13
N ALA A 186 -19.45 12.30 27.87
CA ALA A 186 -18.65 13.22 27.08
C ALA A 186 -17.15 12.85 27.09
N PRO A 187 -16.81 11.59 26.76
CA PRO A 187 -15.38 11.25 26.69
C PRO A 187 -14.75 11.91 25.48
N VAL A 188 -13.45 11.70 25.31
CA VAL A 188 -12.73 12.23 24.17
C VAL A 188 -12.50 11.09 23.20
N TYR A 189 -12.78 11.33 21.92
CA TYR A 189 -12.37 10.43 20.86
C TYR A 189 -10.96 10.83 20.45
N THR A 190 -10.07 9.84 20.37
CA THR A 190 -8.71 10.07 19.88
C THR A 190 -8.54 9.29 18.58
N MET A 191 -8.34 10.02 17.49
CA MET A 191 -8.12 9.37 16.22
C MET A 191 -6.83 8.57 16.26
N THR A 192 -6.91 7.29 15.87
CA THR A 192 -5.77 6.38 15.96
C THR A 192 -5.01 6.32 14.65
N PRO A 193 -3.78 5.79 14.69
CA PRO A 193 -3.09 5.53 13.42
C PRO A 193 -3.91 4.63 12.50
N GLY A 194 -4.62 3.65 13.07
CA GLY A 194 -5.44 2.79 12.23
C GLY A 194 -6.58 3.55 11.55
N ASP A 195 -7.24 4.45 12.28
CA ASP A 195 -8.24 5.32 11.68
C ASP A 195 -7.65 6.10 10.50
N VAL A 196 -6.48 6.70 10.74
CA VAL A 196 -5.84 7.50 9.70
C VAL A 196 -5.54 6.64 8.48
N ASP A 197 -4.96 5.47 8.70
CA ASP A 197 -4.64 4.55 7.61
C ASP A 197 -5.88 4.17 6.81
N LEU A 198 -7.02 3.95 7.49
CA LEU A 198 -8.24 3.67 6.75
C LEU A 198 -8.56 4.81 5.79
N THR A 199 -8.55 6.05 6.31
CA THR A 199 -8.86 7.18 5.44
C THR A 199 -7.89 7.25 4.27
N LEU A 200 -6.61 6.97 4.52
CA LEU A 200 -5.65 7.08 3.43
C LEU A 200 -5.80 5.97 2.40
N ASN A 201 -6.38 4.84 2.79
CA ASN A 201 -6.52 3.70 1.89
C ASN A 201 -7.92 3.58 1.32
N TRP A 202 -8.77 4.59 1.50
CA TRP A 202 -10.15 4.49 1.06
C TRP A 202 -10.27 4.14 -0.43
N GLY A 203 -9.54 4.84 -1.31
CA GLY A 203 -9.60 4.51 -2.72
C GLY A 203 -9.18 3.09 -3.03
N ARG A 204 -8.06 2.64 -2.43
CA ARG A 204 -7.59 1.28 -2.66
C ARG A 204 -8.61 0.24 -2.17
N ILE A 205 -9.16 0.47 -0.98
CA ILE A 205 -10.22 -0.39 -0.46
C ILE A 205 -11.38 -0.44 -1.44
N SER A 206 -11.75 0.73 -1.98
CA SER A 206 -12.89 0.83 -2.88
C SER A 206 -12.68 0.01 -4.14
N ASN A 207 -11.43 -0.08 -4.60
CA ASN A 207 -11.17 -0.87 -5.79
C ASN A 207 -11.22 -2.36 -5.50
N VAL A 208 -10.99 -2.74 -4.24
CA VAL A 208 -10.87 -4.18 -3.96
C VAL A 208 -12.20 -4.80 -3.51
N LEU A 209 -12.93 -4.13 -2.62
CA LEU A 209 -14.12 -4.76 -2.04
C LEU A 209 -15.20 -5.19 -3.04
N PRO A 210 -15.41 -4.53 -4.18
CA PRO A 210 -16.43 -5.05 -5.12
C PRO A 210 -16.12 -6.43 -5.66
N GLU A 211 -14.86 -6.88 -5.56
CA GLU A 211 -14.46 -8.21 -6.00
C GLU A 211 -14.65 -9.28 -4.95
N TYR A 212 -14.96 -8.90 -3.72
CA TYR A 212 -15.08 -9.84 -2.62
C TYR A 212 -16.24 -10.81 -2.85
N ARG A 213 -15.98 -12.10 -2.65
CA ARG A 213 -16.98 -13.15 -2.81
C ARG A 213 -16.91 -14.12 -1.65
N GLY A 214 -16.71 -13.60 -0.44
CA GLY A 214 -16.69 -14.44 0.73
C GLY A 214 -15.35 -15.08 1.03
N GLU A 215 -14.25 -14.52 0.52
CA GLU A 215 -12.94 -15.03 0.87
C GLU A 215 -12.70 -14.90 2.37
N ASP A 216 -11.79 -15.73 2.89
CA ASP A 216 -11.51 -15.70 4.32
C ASP A 216 -10.89 -14.40 4.77
N GLY A 217 -10.30 -13.63 3.87
CA GLY A 217 -9.69 -12.39 4.28
C GLY A 217 -9.53 -11.45 3.11
N VAL A 218 -9.24 -10.20 3.44
CA VAL A 218 -9.01 -9.13 2.48
C VAL A 218 -7.78 -8.39 2.93
N ARG A 219 -6.85 -8.15 2.02
CA ARG A 219 -5.61 -7.45 2.35
C ARG A 219 -5.43 -6.35 1.32
N VAL A 220 -5.37 -5.11 1.79
CA VAL A 220 -5.19 -3.96 0.93
C VAL A 220 -4.10 -3.12 1.59
N GLY A 221 -2.89 -3.19 1.06
CA GLY A 221 -1.76 -2.54 1.72
C GLY A 221 -1.67 -2.90 3.20
N ARG A 222 -1.70 -1.88 4.06
CA ARG A 222 -1.60 -2.07 5.51
C ARG A 222 -2.91 -2.50 6.15
N ILE A 223 -3.99 -2.62 5.38
CA ILE A 223 -5.33 -2.88 5.87
C ILE A 223 -5.61 -4.37 5.75
N SER A 224 -6.12 -4.98 6.84
CA SER A 224 -6.49 -6.37 6.78
C SER A 224 -7.87 -6.57 7.40
N PHE A 225 -8.71 -7.36 6.74
CA PHE A 225 -10.00 -7.80 7.26
C PHE A 225 -10.05 -9.33 7.24
N ASN A 226 -10.49 -9.94 8.35
CA ASN A 226 -10.45 -11.39 8.46
C ASN A 226 -11.78 -12.09 8.28
N ASN A 227 -12.87 -11.36 8.14
CA ASN A 227 -14.20 -11.95 8.05
C ASN A 227 -15.16 -10.84 7.70
N ILE A 228 -16.40 -11.20 7.37
CA ILE A 228 -17.35 -10.20 6.92
C ILE A 228 -17.69 -9.24 8.06
N SER A 229 -17.70 -9.71 9.30
CA SER A 229 -18.00 -8.77 10.39
C SER A 229 -16.90 -7.72 10.54
N ALA A 230 -15.65 -8.06 10.27
CA ALA A 230 -14.59 -7.05 10.29
C ALA A 230 -14.77 -6.03 9.18
N ILE A 231 -15.15 -6.51 7.98
CA ILE A 231 -15.41 -5.60 6.87
C ILE A 231 -16.53 -4.64 7.22
N LEU A 232 -17.66 -5.20 7.67
CA LEU A 232 -18.84 -4.38 7.95
C LEU A 232 -18.61 -3.47 9.16
N GLY A 233 -17.85 -3.94 10.14
CA GLY A 233 -17.57 -3.09 11.28
C GLY A 233 -16.64 -1.96 10.95
N THR A 234 -15.91 -2.07 9.84
CA THR A 234 -14.93 -1.05 9.46
C THR A 234 -15.40 -0.13 8.35
N VAL A 235 -15.95 -0.67 7.27
CA VAL A 235 -16.19 0.10 6.05
C VAL A 235 -17.70 0.24 5.85
N ALA A 236 -18.14 1.43 5.46
CA ALA A 236 -19.56 1.66 5.16
C ALA A 236 -19.82 2.09 3.73
N VAL A 237 -19.01 3.00 3.18
CA VAL A 237 -19.27 3.56 1.85
C VAL A 237 -17.96 3.61 1.10
N ILE A 238 -17.96 3.14 -0.15
CA ILE A 238 -16.77 3.16 -1.00
C ILE A 238 -17.08 3.90 -2.30
N LEU A 239 -16.01 4.32 -2.97
CA LEU A 239 -16.11 4.87 -4.30
C LEU A 239 -16.71 3.88 -5.28
N ASN A 240 -17.30 4.43 -6.33
CA ASN A 240 -17.76 3.66 -7.47
C ASN A 240 -16.58 3.47 -8.42
N CYS A 241 -16.01 2.26 -8.42
CA CYS A 241 -14.85 1.96 -9.24
C CYS A 241 -15.21 1.14 -10.48
N HIS A 242 -16.44 1.25 -10.95
CA HIS A 242 -16.87 0.50 -12.14
C HIS A 242 -17.80 1.36 -13.01
N GLN A 257 -13.64 6.79 -10.85
CA GLN A 257 -12.93 7.82 -10.10
C GLN A 257 -11.43 7.56 -10.12
N PRO A 258 -10.63 8.64 -10.19
CA PRO A 258 -9.17 8.46 -10.27
C PRO A 258 -8.58 7.77 -9.06
N GLU A 259 -9.20 7.90 -7.89
CA GLU A 259 -8.72 7.27 -6.66
C GLU A 259 -8.85 5.76 -6.68
N CYS A 260 -9.55 5.19 -7.66
CA CYS A 260 -9.69 3.75 -7.71
C CYS A 260 -8.44 3.04 -8.18
N GLN A 261 -7.59 3.73 -8.92
CA GLN A 261 -6.47 3.06 -9.58
C GLN A 261 -5.19 3.81 -9.28
N ILE A 262 -4.15 3.05 -8.95
CA ILE A 262 -2.80 3.60 -8.77
C ILE A 262 -1.96 3.34 -9.99
N THR A 263 -1.92 2.08 -10.42
CA THR A 263 -1.16 1.65 -11.56
C THR A 263 -1.67 0.26 -11.93
N GLY A 264 -1.41 -0.16 -13.16
CA GLY A 264 -1.86 -1.48 -13.56
C GLY A 264 -3.38 -1.53 -13.77
N ASP A 265 -3.89 -2.76 -13.96
CA ASP A 265 -5.30 -2.89 -14.26
C ASP A 265 -5.93 -4.13 -13.61
N ARG A 266 -5.30 -4.67 -12.59
CA ARG A 266 -5.76 -5.90 -11.96
C ARG A 266 -6.16 -5.58 -10.53
N PRO A 267 -7.45 -5.49 -10.22
CA PRO A 267 -7.82 -5.11 -8.85
C PRO A 267 -7.30 -6.05 -7.78
N VAL A 268 -7.41 -7.36 -8.00
CA VAL A 268 -7.15 -8.32 -6.93
C VAL A 268 -6.46 -9.57 -7.45
N ILE A 269 -5.84 -10.27 -6.51
CA ILE A 269 -5.36 -11.63 -6.67
C ILE A 269 -5.85 -12.43 -5.48
N LYS A 270 -6.46 -13.57 -5.72
CA LYS A 270 -6.83 -14.45 -4.62
C LYS A 270 -5.65 -15.38 -4.34
N ILE A 271 -5.11 -15.29 -3.13
CA ILE A 271 -3.98 -16.11 -2.67
C ILE A 271 -4.39 -16.79 -1.37
N ASN A 272 -4.44 -18.12 -1.38
CA ASN A 272 -4.73 -18.87 -0.16
C ASN A 272 -6.00 -18.35 0.52
N ASN A 273 -7.04 -18.22 -0.31
CA ASN A 273 -8.40 -17.83 0.12
C ASN A 273 -8.38 -16.46 0.80
N THR A 274 -7.43 -15.61 0.43
CA THR A 274 -7.41 -14.22 0.84
C THR A 274 -7.43 -13.36 -0.42
N LEU A 275 -8.27 -12.33 -0.44
CA LEU A 275 -8.33 -11.40 -1.56
C LEU A 275 -7.31 -10.30 -1.34
N TRP A 276 -6.25 -10.28 -2.14
CA TRP A 276 -5.20 -9.28 -2.05
C TRP A 276 -5.43 -8.19 -3.08
N GLU A 277 -5.20 -6.95 -2.68
CA GLU A 277 -4.96 -5.92 -3.68
C GLU A 277 -3.73 -6.34 -4.49
N SER A 278 -3.88 -6.43 -5.81
CA SER A 278 -2.79 -6.98 -6.61
C SER A 278 -1.52 -6.16 -6.46
N ASN A 279 -1.65 -4.84 -6.34
CA ASN A 279 -0.49 -3.96 -6.25
C ASN A 279 0.31 -4.20 -4.97
N THR A 280 -0.37 -4.60 -3.87
CA THR A 280 0.35 -4.91 -2.64
C THR A 280 1.24 -6.14 -2.83
N ALA A 281 0.66 -7.21 -3.38
CA ALA A 281 1.43 -8.41 -3.63
C ALA A 281 2.59 -8.11 -4.57
N ALA A 282 2.32 -7.38 -5.66
CA ALA A 282 3.38 -7.01 -6.58
C ALA A 282 4.50 -6.27 -5.88
N ALA A 283 4.16 -5.43 -4.89
CA ALA A 283 5.16 -4.62 -4.21
C ALA A 283 6.02 -5.40 -3.23
N PHE A 284 5.64 -6.63 -2.83
CA PHE A 284 6.65 -7.44 -2.13
C PHE A 284 7.13 -8.66 -2.93
N LEU A 285 6.68 -8.82 -4.18
CA LEU A 285 7.16 -9.87 -5.05
C LEU A 285 8.07 -9.34 -6.15
N ASN A 286 8.59 -8.12 -5.98
CA ASN A 286 9.45 -7.52 -6.99
C ASN A 286 10.90 -7.46 -6.53
N ARG A 287 11.29 -8.30 -5.58
CA ARG A 287 12.66 -8.33 -5.07
C ARG A 287 13.46 -9.38 -5.81
N LYS A 288 14.71 -9.06 -6.13
CA LYS A 288 15.56 -10.07 -6.73
C LYS A 288 16.23 -10.88 -5.62
N SER A 289 17.11 -11.79 -6.02
CA SER A 289 17.76 -12.66 -5.06
C SER A 289 18.46 -11.84 -4.00
N GLN A 290 18.21 -12.18 -2.73
CA GLN A 290 18.66 -11.35 -1.63
C GLN A 290 20.17 -11.22 -1.58
N PHE A 291 20.91 -12.33 -1.74
CA PHE A 291 22.36 -12.25 -1.74
C PHE A 291 22.88 -11.30 -2.82
N LEU A 292 22.29 -11.37 -4.02
CA LEU A 292 22.69 -10.49 -5.11
C LEU A 292 22.31 -9.05 -4.83
N TYR A 293 21.15 -8.83 -4.21
CA TYR A 293 20.73 -7.48 -3.86
C TYR A 293 21.70 -6.86 -2.87
N THR A 294 22.00 -7.57 -1.79
CA THR A 294 22.75 -6.95 -0.71
C THR A 294 24.21 -6.80 -1.07
N THR A 295 24.77 -7.71 -1.88
CA THR A 295 26.17 -7.59 -2.23
C THR A 295 26.40 -6.69 -3.42
N GLY A 296 25.36 -6.37 -4.18
CA GLY A 296 25.53 -5.53 -5.36
C GLY A 296 25.38 -4.07 -5.01
N LYS A 297 26.32 -3.53 -4.23
CA LYS A 297 26.19 -2.16 -3.75
C LYS A 297 26.74 -1.14 -4.72
N ALA B 1 12.58 -27.91 -25.67
CA ALA B 1 11.32 -28.59 -25.44
C ALA B 1 10.59 -28.01 -24.24
N ASP B 2 9.26 -28.00 -24.28
CA ASP B 2 8.45 -27.62 -23.13
C ASP B 2 8.36 -28.83 -22.20
N CYS B 3 9.15 -28.81 -21.12
CA CYS B 3 9.16 -29.93 -20.19
C CYS B 3 7.88 -30.02 -19.41
N ALA B 4 7.38 -28.89 -18.95
CA ALA B 4 6.15 -28.96 -18.17
C ALA B 4 5.43 -27.63 -18.28
N LYS B 5 4.11 -27.68 -18.19
CA LYS B 5 3.32 -26.46 -18.23
C LYS B 5 2.18 -26.58 -17.23
N GLY B 6 2.05 -25.58 -16.38
CA GLY B 6 0.97 -25.58 -15.40
C GLY B 6 1.30 -24.69 -14.23
N LYS B 7 0.51 -24.85 -13.19
CA LYS B 7 0.73 -24.10 -11.97
C LYS B 7 1.81 -24.78 -11.14
N ILE B 8 2.51 -23.98 -10.35
CA ILE B 8 3.50 -24.53 -9.43
C ILE B 8 2.76 -25.16 -8.25
N GLU B 9 2.92 -26.47 -8.09
CA GLU B 9 2.23 -27.20 -7.02
C GLU B 9 2.96 -27.06 -5.69
N PHE B 10 4.29 -27.00 -5.71
CA PHE B 10 5.04 -26.57 -4.55
C PHE B 10 6.39 -26.07 -5.05
N SER B 11 7.05 -25.29 -4.20
CA SER B 11 8.44 -24.91 -4.48
C SER B 11 9.26 -25.26 -3.25
N LYS B 12 10.58 -25.32 -3.43
CA LYS B 12 11.44 -25.75 -2.34
C LYS B 12 12.83 -25.17 -2.51
N TYR B 13 13.31 -24.50 -1.48
CA TYR B 13 14.71 -24.10 -1.42
C TYR B 13 15.50 -25.29 -0.90
N ASN B 14 16.57 -25.62 -1.60
CA ASN B 14 17.35 -26.82 -1.29
C ASN B 14 18.67 -26.48 -0.60
N GLU B 15 19.20 -27.46 0.14
CA GLU B 15 20.42 -27.23 0.90
C GLU B 15 21.61 -26.85 0.02
N ASP B 16 21.59 -27.23 -1.25
CA ASP B 16 22.67 -26.87 -2.16
C ASP B 16 22.42 -25.53 -2.87
N ASP B 17 21.47 -24.75 -2.35
CA ASP B 17 21.07 -23.44 -2.88
C ASP B 17 20.43 -23.53 -4.25
N THR B 18 20.00 -24.72 -4.67
CA THR B 18 19.15 -24.78 -5.84
C THR B 18 17.70 -24.62 -5.40
N PHE B 19 16.80 -24.65 -6.37
CA PHE B 19 15.39 -24.38 -6.12
C PHE B 19 14.57 -25.33 -6.97
N THR B 20 13.65 -26.05 -6.34
CA THR B 20 12.81 -27.03 -6.99
C THR B 20 11.39 -26.52 -7.10
N VAL B 21 10.75 -26.79 -8.23
CA VAL B 21 9.32 -26.57 -8.36
C VAL B 21 8.71 -27.85 -8.90
N LYS B 22 7.48 -28.11 -8.48
CA LYS B 22 6.71 -29.21 -9.05
C LYS B 22 5.64 -28.61 -9.96
N VAL B 23 5.64 -29.05 -11.21
CA VAL B 23 4.71 -28.54 -12.23
C VAL B 23 4.15 -29.74 -12.96
N ASP B 24 2.82 -29.79 -13.09
CA ASP B 24 2.13 -30.87 -13.79
C ASP B 24 2.64 -32.23 -13.36
N GLY B 25 2.82 -32.40 -12.05
CA GLY B 25 3.18 -33.68 -11.49
C GLY B 25 4.64 -34.05 -11.58
N LYS B 26 5.49 -33.18 -12.10
CA LYS B 26 6.91 -33.51 -12.25
C LYS B 26 7.76 -32.46 -11.53
N GLU B 27 8.85 -32.89 -10.91
CA GLU B 27 9.72 -31.98 -10.19
C GLU B 27 10.92 -31.59 -11.05
N TYR B 28 11.28 -30.31 -10.99
CA TYR B 28 12.44 -29.79 -11.70
C TYR B 28 13.17 -28.85 -10.77
N TRP B 29 14.47 -28.70 -10.99
CA TRP B 29 15.23 -27.78 -10.17
C TRP B 29 16.03 -26.84 -11.05
N THR B 30 16.36 -25.69 -10.47
CA THR B 30 17.23 -24.72 -11.13
C THR B 30 18.28 -24.22 -10.16
N SER B 31 19.48 -23.97 -10.67
CA SER B 31 20.53 -23.37 -9.88
C SER B 31 20.60 -21.85 -10.02
N ARG B 32 19.74 -21.25 -10.85
CA ARG B 32 19.80 -19.82 -11.08
C ARG B 32 19.09 -19.11 -9.94
N TRP B 33 19.84 -18.35 -9.14
CA TRP B 33 19.25 -17.76 -7.94
C TRP B 33 18.13 -16.79 -8.26
N ASN B 34 18.26 -16.02 -9.34
CA ASN B 34 17.21 -15.04 -9.57
C ASN B 34 15.89 -15.71 -9.94
N LEU B 35 15.89 -16.99 -10.31
CA LEU B 35 14.64 -17.69 -10.56
C LEU B 35 13.91 -18.01 -9.26
N GLN B 36 14.59 -17.94 -8.11
CA GLN B 36 13.90 -18.25 -6.85
C GLN B 36 12.75 -17.29 -6.57
N PRO B 37 12.95 -15.96 -6.52
CA PRO B 37 11.77 -15.08 -6.36
C PRO B 37 10.80 -15.16 -7.53
N LEU B 38 11.31 -15.24 -8.75
CA LEU B 38 10.42 -15.31 -9.92
C LEU B 38 9.49 -16.50 -9.82
N LEU B 39 10.03 -17.66 -9.44
CA LEU B 39 9.16 -18.83 -9.33
C LEU B 39 8.21 -18.70 -8.14
N GLN B 40 8.68 -18.18 -7.00
CA GLN B 40 7.77 -18.14 -5.87
C GLN B 40 6.65 -17.15 -6.14
N SER B 41 6.98 -16.04 -6.80
CA SER B 41 5.94 -15.10 -7.18
C SER B 41 4.93 -15.78 -8.10
N ALA B 42 5.42 -16.54 -9.08
CA ALA B 42 4.50 -17.22 -9.99
C ALA B 42 3.63 -18.18 -9.21
N GLN B 43 4.21 -18.84 -8.21
CA GLN B 43 3.42 -19.80 -7.44
C GLN B 43 2.36 -19.07 -6.63
N LEU B 44 2.68 -17.89 -6.11
CA LEU B 44 1.74 -17.20 -5.23
C LEU B 44 0.61 -16.54 -6.01
N THR B 45 0.90 -16.02 -7.20
CA THR B 45 -0.12 -15.33 -7.96
C THR B 45 -0.85 -16.23 -8.94
N GLY B 46 -0.49 -17.52 -9.00
CA GLY B 46 -1.21 -18.44 -9.84
C GLY B 46 -0.85 -18.36 -11.30
N MET B 47 0.40 -18.02 -11.61
CA MET B 47 0.83 -17.98 -13.00
C MET B 47 0.94 -19.40 -13.55
N THR B 48 0.66 -19.53 -14.85
CA THR B 48 1.07 -20.72 -15.57
C THR B 48 2.54 -20.58 -15.94
N VAL B 49 3.35 -21.55 -15.54
CA VAL B 49 4.76 -21.57 -15.93
C VAL B 49 4.98 -22.69 -16.94
N THR B 50 5.87 -22.42 -17.88
CA THR B 50 6.30 -23.42 -18.87
C THR B 50 7.79 -23.63 -18.67
N ILE B 51 8.15 -24.76 -18.08
CA ILE B 51 9.54 -25.16 -17.91
C ILE B 51 10.05 -25.70 -19.24
N LYS B 52 11.20 -25.15 -19.68
CA LYS B 52 11.77 -25.46 -20.98
C LYS B 52 13.21 -25.91 -20.80
N SER B 53 13.64 -26.88 -21.60
CA SER B 53 15.00 -27.40 -21.46
C SER B 53 15.29 -28.29 -22.67
N SER B 54 16.57 -28.34 -23.05
CA SER B 54 16.99 -29.22 -24.13
C SER B 54 16.66 -30.68 -23.80
N THR B 55 16.86 -31.08 -22.54
CA THR B 55 16.46 -32.38 -22.04
C THR B 55 15.53 -32.18 -20.85
N CYS B 56 14.39 -32.87 -20.86
CA CYS B 56 13.39 -32.66 -19.85
C CYS B 56 13.39 -33.80 -18.83
N SER B 60 15.26 -33.21 -13.60
CA SER B 60 16.58 -32.59 -13.75
C SER B 60 16.48 -31.08 -13.81
N GLY B 61 17.57 -30.46 -14.30
CA GLY B 61 17.75 -29.03 -14.17
C GLY B 61 17.16 -28.23 -15.32
N PHE B 62 16.81 -26.97 -15.03
CA PHE B 62 16.30 -26.08 -16.04
C PHE B 62 16.80 -24.67 -15.75
N ALA B 63 16.84 -23.87 -16.82
CA ALA B 63 17.23 -22.47 -16.68
C ALA B 63 16.47 -21.61 -17.68
N GLU B 64 15.38 -22.14 -18.26
CA GLU B 64 14.47 -21.39 -19.11
C GLU B 64 13.06 -21.68 -18.64
N VAL B 65 12.29 -20.62 -18.40
CA VAL B 65 10.92 -20.81 -17.96
C VAL B 65 10.10 -19.59 -18.35
N GLN B 66 8.94 -19.85 -18.92
CA GLN B 66 8.03 -18.78 -19.32
C GLN B 66 6.96 -18.60 -18.25
N PHE B 67 6.56 -17.36 -18.03
CA PHE B 67 5.54 -16.99 -17.04
C PHE B 67 4.37 -16.34 -17.76
N ASN B 68 3.15 -16.86 -17.49
CA ASN B 68 1.92 -16.28 -18.01
C ASN B 68 0.96 -16.06 -16.86
N ASN B 69 0.32 -14.89 -16.81
CA ASN B 69 -0.80 -14.74 -15.89
C ASN B 69 -1.89 -15.72 -16.25
N ASP B 70 -2.66 -16.13 -15.25
CA ASP B 70 -3.82 -16.98 -15.51
C ASP B 70 -4.98 -16.17 -16.08
N ALA C 1 14.45 4.33 -29.61
CA ALA C 1 13.04 4.58 -29.96
C ALA C 1 12.12 3.90 -28.96
N ASP C 2 10.91 4.43 -28.81
CA ASP C 2 9.87 3.74 -28.04
C ASP C 2 9.30 2.63 -28.93
N CYS C 3 9.67 1.39 -28.64
CA CYS C 3 9.35 0.28 -29.53
C CYS C 3 7.98 -0.29 -29.27
N ALA C 4 7.57 -0.39 -28.01
CA ALA C 4 6.33 -1.08 -27.68
C ALA C 4 5.82 -0.51 -26.36
N LYS C 5 4.54 -0.20 -26.30
CA LYS C 5 3.96 0.28 -25.06
C LYS C 5 2.72 -0.54 -24.78
N GLY C 6 2.66 -1.15 -23.61
CA GLY C 6 1.49 -1.94 -23.25
C GLY C 6 1.81 -2.86 -22.10
N LYS C 7 0.86 -3.75 -21.82
CA LYS C 7 1.06 -4.73 -20.77
C LYS C 7 1.96 -5.86 -21.25
N ILE C 8 2.65 -6.50 -20.31
CA ILE C 8 3.49 -7.65 -20.60
C ILE C 8 2.61 -8.87 -20.80
N GLU C 9 2.67 -9.45 -22.00
CA GLU C 9 1.79 -10.57 -22.34
C GLU C 9 2.34 -11.90 -21.85
N PHE C 10 3.67 -12.03 -21.83
CA PHE C 10 4.33 -13.09 -21.08
C PHE C 10 5.75 -12.61 -20.79
N SER C 11 6.39 -13.29 -19.84
CA SER C 11 7.80 -13.06 -19.61
C SER C 11 8.50 -14.41 -19.55
N LYS C 12 9.81 -14.39 -19.76
CA LYS C 12 10.55 -15.64 -19.87
C LYS C 12 11.97 -15.42 -19.37
N TYR C 13 12.40 -16.27 -18.45
CA TYR C 13 13.80 -16.32 -18.04
C TYR C 13 14.54 -17.22 -19.00
N ASN C 14 15.67 -16.76 -19.51
CA ASN C 14 16.38 -17.45 -20.58
C ASN C 14 17.63 -18.15 -20.07
N GLU C 15 18.05 -19.17 -20.83
CA GLU C 15 19.23 -19.96 -20.49
C GLU C 15 20.48 -19.10 -20.30
N ASP C 16 20.61 -18.01 -21.05
CA ASP C 16 21.77 -17.16 -20.92
C ASP C 16 21.61 -16.10 -19.84
N ASP C 17 20.60 -16.24 -18.99
CA ASP C 17 20.24 -15.36 -17.88
C ASP C 17 19.68 -14.02 -18.34
N THR C 18 19.45 -13.84 -19.64
CA THR C 18 18.66 -12.69 -20.03
C THR C 18 17.19 -12.98 -19.76
N PHE C 19 16.37 -11.98 -20.03
CA PHE C 19 14.97 -12.01 -19.61
C PHE C 19 14.14 -11.36 -20.69
N THR C 20 13.11 -12.07 -21.14
CA THR C 20 12.30 -11.66 -22.28
C THR C 20 10.90 -11.26 -21.83
N VAL C 21 10.37 -10.18 -22.42
CA VAL C 21 8.97 -9.82 -22.24
C VAL C 21 8.34 -9.63 -23.61
N LYS C 22 7.08 -10.03 -23.72
CA LYS C 22 6.31 -9.76 -24.93
C LYS C 22 5.40 -8.58 -24.64
N VAL C 23 5.56 -7.51 -25.41
CA VAL C 23 4.79 -6.28 -25.25
C VAL C 23 4.28 -5.86 -26.63
N ASP C 24 2.99 -5.53 -26.71
CA ASP C 24 2.38 -5.11 -27.96
C ASP C 24 2.71 -6.09 -29.08
N GLY C 25 2.65 -7.39 -28.77
CA GLY C 25 2.81 -8.44 -29.74
C GLY C 25 4.23 -8.72 -30.18
N LYS C 26 5.24 -8.06 -29.59
CA LYS C 26 6.63 -8.25 -29.98
C LYS C 26 7.46 -8.64 -28.76
N GLU C 27 8.46 -9.49 -28.98
CA GLU C 27 9.31 -9.99 -27.91
C GLU C 27 10.59 -9.17 -27.82
N TYR C 28 11.00 -8.87 -26.59
CA TYR C 28 12.22 -8.12 -26.34
C TYR C 28 12.97 -8.76 -25.17
N TRP C 29 14.29 -8.79 -25.25
CA TRP C 29 15.09 -9.38 -24.20
C TRP C 29 15.99 -8.32 -23.58
N THR C 30 16.31 -8.53 -22.30
CA THR C 30 17.23 -7.63 -21.62
C THR C 30 18.22 -8.44 -20.82
N SER C 31 19.46 -7.98 -20.77
CA SER C 31 20.46 -8.57 -19.90
C SER C 31 20.59 -7.83 -18.58
N ARG C 32 19.76 -6.83 -18.34
CA ARG C 32 19.81 -6.09 -17.08
C ARG C 32 19.15 -6.97 -16.02
N TRP C 33 19.98 -7.52 -15.11
CA TRP C 33 19.52 -8.43 -14.07
C TRP C 33 18.39 -7.83 -13.23
N ASN C 34 18.56 -6.56 -12.85
CA ASN C 34 17.61 -5.93 -11.94
C ASN C 34 16.25 -5.79 -12.58
N LEU C 35 16.15 -5.83 -13.90
CA LEU C 35 14.84 -5.73 -14.50
C LEU C 35 14.00 -7.00 -14.35
N GLN C 36 14.59 -8.13 -13.95
CA GLN C 36 13.79 -9.36 -13.97
C GLN C 36 12.61 -9.30 -13.00
N PRO C 37 12.80 -9.08 -11.70
CA PRO C 37 11.62 -9.02 -10.82
C PRO C 37 10.76 -7.80 -11.08
N LEU C 38 11.37 -6.67 -11.48
CA LEU C 38 10.58 -5.47 -11.75
C LEU C 38 9.61 -5.69 -12.89
N LEU C 39 10.08 -6.36 -13.96
CA LEU C 39 9.17 -6.67 -15.05
C LEU C 39 8.12 -7.69 -14.62
N GLN C 40 8.52 -8.69 -13.82
CA GLN C 40 7.53 -9.70 -13.48
C GLN C 40 6.43 -9.09 -12.62
N SER C 41 6.79 -8.23 -11.67
N SER C 41 6.80 -8.24 -11.66
CA SER C 41 5.76 -7.58 -10.88
CA SER C 41 5.77 -7.56 -10.87
C SER C 41 4.88 -6.69 -11.76
C SER C 41 4.89 -6.70 -11.76
N ALA C 42 5.49 -5.97 -12.70
CA ALA C 42 4.66 -5.20 -13.63
C ALA C 42 3.71 -6.12 -14.34
N GLN C 43 4.22 -7.28 -14.77
CA GLN C 43 3.39 -8.24 -15.47
C GLN C 43 2.23 -8.68 -14.59
N LEU C 44 2.50 -8.94 -13.31
CA LEU C 44 1.43 -9.57 -12.57
C LEU C 44 0.32 -8.58 -12.25
N THR C 45 0.63 -7.29 -12.26
CA THR C 45 -0.38 -6.32 -11.89
C THR C 45 -0.97 -5.62 -13.12
N GLY C 46 -0.50 -5.97 -14.30
CA GLY C 46 -1.00 -5.35 -15.51
C GLY C 46 -0.48 -3.96 -15.74
N MET C 47 0.69 -3.67 -15.18
CA MET C 47 1.33 -2.37 -15.38
C MET C 47 1.73 -2.19 -16.83
N THR C 48 1.44 -1.02 -17.38
CA THR C 48 1.89 -0.72 -18.74
C THR C 48 3.38 -0.40 -18.70
N VAL C 49 4.15 -0.97 -19.63
CA VAL C 49 5.56 -0.63 -19.76
C VAL C 49 5.81 -0.11 -21.17
N THR C 50 6.87 0.69 -21.31
CA THR C 50 7.35 1.17 -22.59
C THR C 50 8.76 0.66 -22.79
N ILE C 51 8.93 -0.25 -23.74
CA ILE C 51 10.25 -0.80 -24.09
C ILE C 51 10.95 0.19 -25.00
N LYS C 52 12.20 0.53 -24.70
CA LYS C 52 12.93 1.48 -25.52
C LYS C 52 14.19 0.80 -26.04
N SER C 53 14.42 0.90 -27.36
CA SER C 53 15.55 0.18 -27.93
C SER C 53 15.93 0.82 -29.25
N SER C 54 17.13 0.46 -29.72
CA SER C 54 17.62 0.90 -31.02
C SER C 54 16.84 0.28 -32.16
N THR C 55 16.32 -0.93 -31.97
CA THR C 55 15.58 -1.66 -32.98
C THR C 55 14.31 -2.19 -32.33
N CYS C 56 13.21 -2.19 -33.06
CA CYS C 56 11.93 -2.50 -32.45
C CYS C 56 11.33 -3.81 -32.94
N GLU C 57 11.99 -4.48 -33.89
CA GLU C 57 11.53 -5.79 -34.33
C GLU C 57 11.47 -6.75 -33.16
N SER C 58 10.49 -7.63 -33.19
CA SER C 58 10.48 -8.75 -32.27
C SER C 58 11.82 -9.46 -32.27
N GLY C 59 12.35 -9.74 -31.08
CA GLY C 59 13.66 -10.32 -30.96
C GLY C 59 14.76 -9.33 -30.63
N SER C 60 14.43 -8.05 -30.52
CA SER C 60 15.39 -7.01 -30.21
C SER C 60 15.73 -6.99 -28.73
N GLY C 61 16.91 -6.46 -28.41
CA GLY C 61 17.30 -6.28 -27.03
C GLY C 61 16.92 -4.90 -26.51
N PHE C 62 16.79 -4.80 -25.19
CA PHE C 62 16.60 -3.49 -24.61
C PHE C 62 17.36 -3.40 -23.30
N ALA C 63 17.73 -2.18 -22.95
CA ALA C 63 18.37 -1.89 -21.67
C ALA C 63 17.66 -0.76 -20.96
N GLU C 64 16.50 -0.33 -21.46
CA GLU C 64 15.80 0.83 -20.92
C GLU C 64 14.31 0.56 -21.02
N VAL C 65 13.58 0.79 -19.94
CA VAL C 65 12.14 0.52 -19.95
C VAL C 65 11.48 1.47 -18.96
N GLN C 66 10.33 2.00 -19.34
CA GLN C 66 9.59 2.92 -18.49
C GLN C 66 8.37 2.18 -17.93
N PHE C 67 8.13 2.31 -16.64
CA PHE C 67 6.99 1.70 -15.98
C PHE C 67 5.94 2.80 -15.76
N ASN C 68 4.80 2.66 -16.44
CA ASN C 68 3.77 3.69 -16.47
C ASN C 68 2.60 3.33 -15.55
N ASN C 69 1.80 4.34 -15.23
CA ASN C 69 0.63 4.14 -14.39
C ASN C 69 -0.68 4.05 -15.17
N ASP C 70 -0.63 4.00 -16.50
CA ASP C 70 -1.85 3.85 -17.32
C ASP C 70 -2.69 2.64 -16.88
N ALA D 1 18.07 19.85 -0.01
CA ALA D 1 16.76 20.50 -0.15
C ALA D 1 15.64 19.49 -0.33
N ASP D 2 14.42 19.88 0.04
CA ASP D 2 13.24 19.06 -0.23
C ASP D 2 12.82 19.32 -1.66
N CYS D 3 13.13 18.38 -2.54
CA CYS D 3 12.93 18.61 -3.96
C CYS D 3 11.50 18.29 -4.37
N ALA D 4 10.99 17.15 -3.94
CA ALA D 4 9.67 16.78 -4.39
C ALA D 4 9.02 15.87 -3.37
N LYS D 5 7.70 15.99 -3.22
CA LYS D 5 6.96 15.12 -2.33
C LYS D 5 5.68 14.75 -3.05
N GLY D 6 5.52 13.48 -3.37
CA GLY D 6 4.36 13.09 -4.14
C GLY D 6 4.42 11.62 -4.50
N LYS D 7 3.44 11.20 -5.28
CA LYS D 7 3.43 9.83 -5.76
C LYS D 7 4.31 9.72 -7.00
N ILE D 8 4.80 8.51 -7.26
CA ILE D 8 5.64 8.28 -8.42
C ILE D 8 4.74 8.15 -9.64
N GLU D 9 4.86 9.10 -10.57
CA GLU D 9 4.05 9.12 -11.78
C GLU D 9 4.54 8.12 -12.82
N PHE D 10 5.86 7.95 -12.91
CA PHE D 10 6.42 6.83 -13.67
C PHE D 10 7.81 6.57 -13.12
N SER D 11 8.31 5.37 -13.43
CA SER D 11 9.71 5.05 -13.15
C SER D 11 10.33 4.55 -14.44
N LYS D 12 11.65 4.65 -14.52
CA LYS D 12 12.35 4.22 -15.72
C LYS D 12 13.70 3.64 -15.34
N TYR D 13 14.01 2.47 -15.87
CA TYR D 13 15.34 1.91 -15.77
C TYR D 13 16.16 2.46 -16.94
N ASN D 14 17.27 3.12 -16.64
CA ASN D 14 18.04 3.83 -17.65
C ASN D 14 19.18 2.99 -18.21
N GLU D 15 19.65 3.41 -19.39
CA GLU D 15 20.75 2.73 -20.07
C GLU D 15 21.99 2.60 -19.19
N ASP D 16 22.27 3.60 -18.37
CA ASP D 16 23.46 3.58 -17.51
C ASP D 16 23.20 2.87 -16.19
N ASP D 17 22.06 2.18 -16.09
CA ASP D 17 21.64 1.38 -14.94
C ASP D 17 21.18 2.22 -13.78
N THR D 18 21.13 3.54 -13.91
CA THR D 18 20.43 4.32 -12.89
C THR D 18 18.93 4.20 -13.07
N PHE D 19 18.19 4.75 -12.11
CA PHE D 19 16.76 4.55 -12.03
C PHE D 19 16.11 5.92 -11.84
N THR D 20 15.14 6.25 -12.67
CA THR D 20 14.51 7.56 -12.64
C THR D 20 13.07 7.43 -12.15
N VAL D 21 12.64 8.39 -11.33
CA VAL D 21 11.25 8.51 -10.96
C VAL D 21 10.79 9.91 -11.28
N LYS D 22 9.54 10.03 -11.68
CA LYS D 22 8.92 11.34 -11.87
C LYS D 22 8.01 11.58 -10.67
N VAL D 23 8.26 12.67 -9.96
CA VAL D 23 7.53 13.02 -8.75
C VAL D 23 7.22 14.51 -8.84
N ASP D 24 5.96 14.87 -8.61
CA ASP D 24 5.49 16.26 -8.66
C ASP D 24 5.98 16.96 -9.93
N GLY D 25 5.88 16.26 -11.06
CA GLY D 25 6.17 16.83 -12.35
C GLY D 25 7.63 16.96 -12.72
N LYS D 26 8.54 16.50 -11.86
CA LYS D 26 9.97 16.59 -12.15
C LYS D 26 10.60 15.20 -12.08
N GLU D 27 11.65 15.00 -12.88
CA GLU D 27 12.32 13.71 -12.97
C GLU D 27 13.61 13.73 -12.14
N TYR D 28 13.85 12.64 -11.43
CA TYR D 28 15.03 12.52 -10.58
C TYR D 28 15.62 11.13 -10.77
N TRP D 29 16.93 11.03 -10.85
CA TRP D 29 17.57 9.74 -11.06
C TRP D 29 18.40 9.38 -9.85
N THR D 30 18.56 8.09 -9.62
CA THR D 30 19.44 7.62 -8.56
C THR D 30 20.26 6.45 -9.07
N SER D 31 21.54 6.41 -8.67
CA SER D 31 22.36 5.27 -8.96
C SER D 31 22.40 4.27 -7.82
N ARG D 32 21.69 4.54 -6.73
CA ARG D 32 21.71 3.65 -5.57
C ARG D 32 20.97 2.37 -5.90
N TRP D 33 21.70 1.26 -5.98
CA TRP D 33 21.09 0.00 -6.42
C TRP D 33 19.99 -0.43 -5.47
N ASN D 34 20.17 -0.19 -4.16
CA ASN D 34 19.20 -0.63 -3.17
C ASN D 34 17.83 -0.04 -3.42
N LEU D 35 17.77 1.13 -4.06
CA LEU D 35 16.51 1.85 -4.15
C LEU D 35 15.62 1.35 -5.27
N GLN D 36 16.14 0.53 -6.20
CA GLN D 36 15.29 0.22 -7.36
C GLN D 36 14.02 -0.55 -6.98
N PRO D 37 14.08 -1.69 -6.28
CA PRO D 37 12.79 -2.32 -5.90
C PRO D 37 11.94 -1.44 -4.99
N LEU D 38 12.58 -0.71 -4.08
CA LEU D 38 11.84 0.10 -3.14
C LEU D 38 11.04 1.17 -3.87
N LEU D 39 11.68 1.82 -4.85
CA LEU D 39 10.97 2.84 -5.60
C LEU D 39 9.83 2.22 -6.40
N GLN D 40 10.07 1.03 -7.00
CA GLN D 40 8.95 0.45 -7.73
C GLN D 40 7.83 0.06 -6.77
N SER D 41 8.19 -0.42 -5.58
CA SER D 41 7.14 -0.78 -4.62
C SER D 41 6.34 0.46 -4.23
N ALA D 42 7.03 1.60 -4.09
CA ALA D 42 6.33 2.84 -3.79
C ALA D 42 5.39 3.23 -4.92
N GLN D 43 5.84 3.05 -6.16
CA GLN D 43 4.99 3.39 -7.28
C GLN D 43 3.78 2.48 -7.31
N LEU D 44 3.99 1.20 -6.96
CA LEU D 44 2.92 0.22 -7.09
C LEU D 44 1.81 0.48 -6.08
N THR D 45 2.19 0.96 -4.91
CA THR D 45 1.24 1.16 -3.82
C THR D 45 0.88 2.62 -3.63
N GLY D 46 1.31 3.49 -4.55
CA GLY D 46 0.99 4.90 -4.42
C GLY D 46 1.52 5.56 -3.17
N MET D 47 2.68 5.13 -2.67
CA MET D 47 3.28 5.80 -1.53
C MET D 47 3.67 7.22 -1.90
N THR D 48 3.53 8.13 -0.94
CA THR D 48 4.12 9.45 -1.08
C THR D 48 5.61 9.34 -0.79
N VAL D 49 6.44 9.69 -1.75
CA VAL D 49 7.88 9.70 -1.54
C VAL D 49 8.33 11.15 -1.48
N THR D 50 9.35 11.39 -0.66
CA THR D 50 10.01 12.68 -0.56
C THR D 50 11.43 12.50 -1.09
N ILE D 51 11.71 13.17 -2.20
CA ILE D 51 13.03 13.20 -2.82
C ILE D 51 13.77 14.40 -2.26
N LYS D 52 14.96 14.13 -1.67
CA LYS D 52 15.81 15.18 -1.14
C LYS D 52 17.12 15.17 -1.91
N SER D 53 17.57 16.34 -2.35
CA SER D 53 18.84 16.44 -3.07
C SER D 53 19.39 17.85 -2.95
N SER D 54 20.68 17.98 -3.27
CA SER D 54 21.32 19.29 -3.23
C SER D 54 20.85 20.21 -4.37
N THR D 55 20.33 19.66 -5.45
CA THR D 55 19.68 20.44 -6.51
C THR D 55 18.34 19.80 -6.80
N CYS D 56 17.35 20.61 -7.13
CA CYS D 56 16.00 20.08 -7.30
C CYS D 56 15.46 20.25 -8.72
N GLU D 57 16.23 20.84 -9.63
CA GLU D 57 15.80 20.92 -11.02
C GLU D 57 15.53 19.53 -11.55
N SER D 58 14.53 19.42 -12.41
CA SER D 58 14.30 18.17 -13.13
C SER D 58 15.57 17.70 -13.79
N GLY D 59 15.87 16.40 -13.63
CA GLY D 59 17.13 15.84 -14.11
C GLY D 59 18.22 15.78 -13.07
N SER D 60 17.94 16.19 -11.83
CA SER D 60 18.90 16.09 -10.75
C SER D 60 18.97 14.66 -10.23
N GLY D 61 20.11 14.32 -9.66
CA GLY D 61 20.26 13.04 -9.01
C GLY D 61 19.90 13.10 -7.55
N PHE D 62 19.66 11.92 -6.98
CA PHE D 62 19.39 11.86 -5.55
C PHE D 62 19.86 10.54 -5.01
N ALA D 63 20.08 10.53 -3.71
CA ALA D 63 20.37 9.33 -2.96
C ALA D 63 19.52 9.22 -1.71
N GLU D 64 18.76 10.26 -1.37
CA GLU D 64 17.96 10.30 -0.15
C GLU D 64 16.48 10.37 -0.52
N VAL D 65 15.70 9.43 0.03
CA VAL D 65 14.28 9.39 -0.29
C VAL D 65 13.55 8.82 0.92
N GLN D 66 12.44 9.45 1.27
CA GLN D 66 11.60 8.98 2.37
C GLN D 66 10.33 8.37 1.78
N PHE D 67 9.89 7.27 2.38
CA PHE D 67 8.71 6.51 1.95
C PHE D 67 7.64 6.69 3.01
N ASN D 68 6.56 7.38 2.66
CA ASN D 68 5.50 7.68 3.62
C ASN D 68 4.26 6.86 3.30
N ASN D 69 3.41 6.68 4.31
CA ASN D 69 2.12 6.02 4.12
C ASN D 69 0.99 6.99 3.84
N ASP D 70 1.22 8.28 4.03
CA ASP D 70 0.16 9.26 3.90
C ASP D 70 0.29 10.07 2.62
N ALA E 1 17.06 -6.34 23.81
CA ALA E 1 15.94 -5.59 24.35
C ALA E 1 14.97 -5.23 23.24
N ASP E 2 13.69 -5.12 23.57
CA ASP E 2 12.67 -4.70 22.61
C ASP E 2 12.59 -3.18 22.63
N CYS E 3 13.08 -2.54 21.56
CA CYS E 3 13.18 -1.09 21.49
C CYS E 3 11.86 -0.43 21.11
N ALA E 4 11.15 -1.01 20.15
CA ALA E 4 9.93 -0.43 19.64
C ALA E 4 9.12 -1.55 18.99
N LYS E 5 7.80 -1.46 19.12
CA LYS E 5 6.94 -2.47 18.51
C LYS E 5 5.75 -1.75 17.89
N GLY E 6 5.48 -2.01 16.63
CA GLY E 6 4.36 -1.37 15.98
C GLY E 6 4.48 -1.47 14.48
N LYS E 7 3.54 -0.82 13.79
CA LYS E 7 3.66 -0.75 12.35
C LYS E 7 4.69 0.33 11.98
N ILE E 8 5.25 0.21 10.80
CA ILE E 8 6.27 1.18 10.36
C ILE E 8 5.57 2.44 9.87
N GLU E 9 5.89 3.57 10.50
CA GLU E 9 5.21 4.81 10.13
C GLU E 9 5.80 5.40 8.86
N PHE E 10 7.12 5.43 8.77
CA PHE E 10 7.78 5.77 7.52
C PHE E 10 9.13 5.08 7.51
N SER E 11 9.71 5.00 6.32
CA SER E 11 11.08 4.54 6.15
C SER E 11 11.80 5.52 5.25
N LYS E 12 13.13 5.52 5.35
CA LYS E 12 13.89 6.54 4.63
C LYS E 12 15.30 6.05 4.40
N TYR E 13 15.78 6.18 3.18
CA TYR E 13 17.18 5.88 2.88
C TYR E 13 17.94 7.19 2.82
N ASN E 14 19.08 7.26 3.50
CA ASN E 14 19.84 8.48 3.67
C ASN E 14 21.09 8.45 2.79
N GLU E 15 21.60 9.64 2.44
CA GLU E 15 22.76 9.69 1.55
C GLU E 15 23.94 8.94 2.13
N ASP E 16 24.01 8.84 3.46
CA ASP E 16 25.12 8.18 4.15
C ASP E 16 24.91 6.66 4.29
N ASP E 17 24.04 6.09 3.46
CA ASP E 17 23.83 4.64 3.40
C ASP E 17 23.32 4.08 4.73
N THR E 18 22.38 4.79 5.35
CA THR E 18 21.62 4.26 6.47
C THR E 18 20.15 4.26 6.08
N PHE E 19 19.39 3.34 6.69
CA PHE E 19 17.97 3.16 6.39
C PHE E 19 17.21 3.32 7.70
N THR E 20 16.43 4.39 7.79
CA THR E 20 15.71 4.74 9.01
C THR E 20 14.28 4.21 8.92
N VAL E 21 13.80 3.64 10.01
CA VAL E 21 12.36 3.40 10.14
C VAL E 21 11.89 4.09 11.41
N LYS E 22 10.64 4.51 11.39
CA LYS E 22 9.99 5.05 12.57
C LYS E 22 8.91 4.07 13.02
N VAL E 23 9.01 3.63 14.26
CA VAL E 23 8.09 2.65 14.83
C VAL E 23 7.69 3.17 16.21
N ASP E 24 6.38 3.28 16.45
CA ASP E 24 5.86 3.68 17.76
C ASP E 24 6.50 4.98 18.22
N GLY E 25 6.59 5.94 17.30
CA GLY E 25 7.12 7.25 17.59
C GLY E 25 8.63 7.36 17.71
N LYS E 26 9.37 6.28 17.48
CA LYS E 26 10.82 6.30 17.67
C LYS E 26 11.52 5.93 16.37
N GLU E 27 12.64 6.59 16.10
CA GLU E 27 13.40 6.36 14.88
C GLU E 27 14.64 5.53 15.17
N TYR E 28 14.87 4.51 14.34
CA TYR E 28 16.09 3.73 14.37
C TYR E 28 16.56 3.50 12.95
N TRP E 29 17.83 3.14 12.80
CA TRP E 29 18.40 2.97 11.47
C TRP E 29 19.19 1.68 11.40
N THR E 30 19.32 1.17 10.19
CA THR E 30 20.16 0.01 9.92
C THR E 30 20.87 0.22 8.60
N SER E 31 22.09 -0.29 8.50
CA SER E 31 22.79 -0.29 7.22
C SER E 31 22.88 -1.67 6.61
N ARG E 32 22.15 -2.65 7.17
CA ARG E 32 22.02 -3.95 6.54
C ARG E 32 21.08 -3.81 5.35
N TRP E 33 21.62 -3.97 4.15
CA TRP E 33 20.74 -3.88 2.98
C TRP E 33 19.72 -5.01 2.99
N ASN E 34 20.07 -6.17 3.57
CA ASN E 34 19.10 -7.25 3.69
C ASN E 34 17.80 -6.73 4.28
N LEU E 35 17.88 -5.78 5.21
CA LEU E 35 16.68 -5.35 5.91
C LEU E 35 15.86 -4.34 5.13
N GLN E 36 16.40 -3.73 4.07
CA GLN E 36 15.61 -2.72 3.37
C GLN E 36 14.36 -3.31 2.71
N PRO E 37 14.43 -4.35 1.88
CA PRO E 37 13.18 -4.91 1.33
C PRO E 37 12.30 -5.48 2.42
N LEU E 38 12.90 -6.17 3.39
CA LEU E 38 12.12 -6.78 4.47
C LEU E 38 11.32 -5.72 5.22
N LEU E 39 11.98 -4.61 5.57
CA LEU E 39 11.31 -3.55 6.29
C LEU E 39 10.29 -2.85 5.40
N GLN E 40 10.63 -2.62 4.13
CA GLN E 40 9.67 -1.87 3.33
C GLN E 40 8.42 -2.71 3.06
N SER E 41 8.61 -3.99 2.77
CA SER E 41 7.46 -4.88 2.68
C SER E 41 6.66 -4.87 3.97
N ALA E 42 7.35 -4.91 5.12
CA ALA E 42 6.62 -4.84 6.38
C ALA E 42 5.83 -3.54 6.46
N GLN E 43 6.42 -2.45 5.96
CA GLN E 43 5.71 -1.18 6.01
C GLN E 43 4.48 -1.19 5.11
N LEU E 44 4.61 -1.76 3.90
CA LEU E 44 3.51 -1.56 2.97
C LEU E 44 2.39 -2.56 3.20
N THR E 45 2.67 -3.63 3.94
CA THR E 45 1.67 -4.64 4.27
C THR E 45 1.13 -4.49 5.67
N GLY E 46 1.65 -3.55 6.46
CA GLY E 46 1.13 -3.34 7.80
C GLY E 46 1.53 -4.39 8.80
N MET E 47 2.66 -5.06 8.60
CA MET E 47 3.22 -5.93 9.61
C MET E 47 3.54 -5.17 10.89
N THR E 48 3.38 -5.84 12.02
CA THR E 48 3.92 -5.37 13.28
C THR E 48 5.38 -5.76 13.35
N VAL E 49 6.27 -4.79 13.49
CA VAL E 49 7.69 -5.10 13.63
C VAL E 49 8.09 -4.80 15.05
N THR E 50 9.04 -5.59 15.56
CA THR E 50 9.65 -5.38 16.87
C THR E 50 11.14 -5.14 16.63
N ILE E 51 11.56 -3.88 16.79
CA ILE E 51 12.97 -3.52 16.71
C ILE E 51 13.68 -3.97 17.98
N LYS E 52 14.78 -4.71 17.83
CA LYS E 52 15.48 -5.28 18.95
C LYS E 52 16.94 -4.85 18.90
N SER E 53 17.50 -4.53 20.06
CA SER E 53 18.88 -4.07 20.12
C SER E 53 19.37 -4.22 21.55
N SER E 54 20.69 -4.30 21.70
CA SER E 54 21.26 -4.40 23.04
C SER E 54 20.86 -3.20 23.88
N THR E 55 20.88 -2.01 23.28
CA THR E 55 20.40 -0.78 23.90
C THR E 55 19.47 -0.07 22.94
N CYS E 56 18.47 0.63 23.49
CA CYS E 56 17.30 1.05 22.73
C CYS E 56 17.16 2.57 22.62
N GLU E 57 18.23 3.32 22.77
CA GLU E 57 18.12 4.76 22.74
C GLU E 57 17.63 5.25 21.38
N SER E 58 17.20 6.50 21.34
CA SER E 58 16.75 7.08 20.09
C SER E 58 17.93 7.28 19.16
N GLY E 59 17.69 7.11 17.86
CA GLY E 59 18.74 7.19 16.87
C GLY E 59 19.73 6.05 16.88
N SER E 60 19.43 5.00 17.63
CA SER E 60 20.27 3.80 17.69
C SER E 60 20.23 3.05 16.37
N GLY E 61 21.35 2.41 16.04
CA GLY E 61 21.34 1.43 14.99
C GLY E 61 20.73 0.12 15.46
N PHE E 62 20.28 -0.69 14.52
CA PHE E 62 19.76 -2.00 14.87
C PHE E 62 20.04 -2.97 13.74
N ALA E 63 20.12 -4.26 14.09
CA ALA E 63 20.21 -5.29 13.07
C ALA E 63 19.42 -6.53 13.50
N GLU E 64 18.48 -6.38 14.42
CA GLU E 64 17.56 -7.46 14.81
C GLU E 64 16.16 -6.89 14.80
N VAL E 65 15.25 -7.57 14.11
CA VAL E 65 13.86 -7.11 14.03
C VAL E 65 12.97 -8.31 13.79
N GLN E 66 11.90 -8.39 14.57
CA GLN E 66 10.90 -9.43 14.41
C GLN E 66 9.76 -8.89 13.56
N PHE E 67 9.19 -9.78 12.75
CA PHE E 67 8.10 -9.46 11.84
C PHE E 67 6.90 -10.33 12.19
N ASN E 68 5.75 -9.70 12.45
CA ASN E 68 4.49 -10.39 12.72
C ASN E 68 3.39 -9.84 11.81
N ASN E 69 2.54 -10.73 11.31
CA ASN E 69 1.39 -10.26 10.55
C ASN E 69 0.45 -9.43 11.43
N ASP E 70 0.29 -9.83 12.68
CA ASP E 70 -0.48 -9.05 13.64
C ASP E 70 0.37 -8.72 14.87
N ALA F 1 14.92 -34.72 7.41
CA ALA F 1 13.63 -34.99 8.05
C ALA F 1 12.74 -33.76 8.02
N ASP F 2 11.42 -33.96 8.08
CA ASP F 2 10.48 -32.84 8.13
C ASP F 2 10.39 -32.37 9.57
N CYS F 3 11.00 -31.22 9.87
CA CYS F 3 11.08 -30.77 11.25
C CYS F 3 9.79 -30.13 11.71
N ALA F 4 9.13 -29.40 10.83
CA ALA F 4 7.99 -28.59 11.21
C ALA F 4 7.22 -28.25 9.95
N LYS F 5 5.90 -28.25 10.05
CA LYS F 5 5.06 -27.91 8.92
C LYS F 5 3.94 -27.02 9.42
N GLY F 6 3.72 -25.90 8.76
CA GLY F 6 2.65 -25.02 9.15
C GLY F 6 2.93 -23.62 8.62
N LYS F 7 2.11 -22.68 9.08
CA LYS F 7 2.33 -21.29 8.68
C LYS F 7 3.39 -20.66 9.56
N ILE F 8 4.06 -19.64 9.00
CA ILE F 8 5.09 -18.93 9.75
C ILE F 8 4.39 -18.04 10.77
N GLU F 9 4.67 -18.28 12.04
CA GLU F 9 4.03 -17.54 13.13
C GLU F 9 4.69 -16.18 13.33
N PHE F 10 6.01 -16.14 13.21
CA PHE F 10 6.74 -14.88 13.12
C PHE F 10 8.05 -15.18 12.41
N SER F 11 8.66 -14.13 11.88
CA SER F 11 10.01 -14.22 11.37
C SER F 11 10.85 -13.14 12.05
N LYS F 12 12.16 -13.32 11.99
CA LYS F 12 13.04 -12.41 12.72
C LYS F 12 14.39 -12.36 12.03
N TYR F 13 14.81 -11.16 11.66
CA TYR F 13 16.18 -10.95 11.19
C TYR F 13 17.10 -10.81 12.39
N ASN F 14 18.24 -11.49 12.35
CA ASN F 14 19.15 -11.54 13.50
C ASN F 14 20.44 -10.77 13.22
N GLU F 15 21.10 -10.36 14.31
CA GLU F 15 22.26 -9.47 14.17
C GLU F 15 23.42 -10.12 13.44
N ASP F 16 23.49 -11.45 13.42
CA ASP F 16 24.50 -12.16 12.65
C ASP F 16 24.05 -12.40 11.21
N ASP F 17 22.99 -11.73 10.77
CA ASP F 17 22.45 -11.82 9.42
C ASP F 17 21.85 -13.18 9.12
N THR F 18 21.55 -13.96 10.16
CA THR F 18 20.72 -15.14 9.97
C THR F 18 19.26 -14.72 10.14
N PHE F 19 18.36 -15.67 9.91
CA PHE F 19 16.94 -15.36 9.81
C PHE F 19 16.17 -16.50 10.46
N THR F 20 15.33 -16.17 11.44
CA THR F 20 14.59 -17.14 12.22
C THR F 20 13.13 -17.15 11.80
N VAL F 21 12.54 -18.33 11.71
CA VAL F 21 11.10 -18.44 11.57
C VAL F 21 10.58 -19.36 12.67
N LYS F 22 9.37 -19.08 13.13
CA LYS F 22 8.67 -19.97 14.04
C LYS F 22 7.55 -20.67 13.29
N VAL F 23 7.60 -22.00 13.27
CA VAL F 23 6.66 -22.84 12.54
C VAL F 23 6.21 -23.94 13.48
N ASP F 24 4.89 -24.10 13.63
CA ASP F 24 4.31 -25.14 14.50
C ASP F 24 4.94 -25.13 15.88
N GLY F 25 5.14 -23.93 16.42
CA GLY F 25 5.65 -23.77 17.76
C GLY F 25 7.14 -23.95 17.92
N LYS F 26 7.88 -24.18 16.85
CA LYS F 26 9.32 -24.40 16.96
C LYS F 26 10.05 -23.36 16.12
N GLU F 27 11.22 -22.94 16.60
CA GLU F 27 12.00 -21.90 15.95
C GLU F 27 13.20 -22.51 15.23
N TYR F 28 13.46 -22.04 14.02
CA TYR F 28 14.61 -22.47 13.24
C TYR F 28 15.23 -21.26 12.59
N TRP F 29 16.53 -21.31 12.38
CA TRP F 29 17.24 -20.20 11.76
C TRP F 29 17.97 -20.69 10.52
N THR F 30 18.13 -19.79 9.55
CA THR F 30 18.90 -20.10 8.35
C THR F 30 19.90 -18.98 8.10
N SER F 31 21.08 -19.37 7.63
CA SER F 31 22.08 -18.42 7.18
C SER F 31 22.01 -18.19 5.69
N ARG F 32 21.04 -18.78 4.99
CA ARG F 32 20.89 -18.58 3.56
C ARG F 32 20.14 -17.27 3.35
N TRP F 33 20.85 -16.24 2.88
CA TRP F 33 20.21 -14.93 2.77
C TRP F 33 19.05 -14.97 1.78
N ASN F 34 19.17 -15.79 0.72
CA ASN F 34 18.11 -15.83 -0.27
C ASN F 34 16.78 -16.22 0.33
N LEU F 35 16.79 -16.95 1.45
CA LEU F 35 15.53 -17.36 2.06
C LEU F 35 14.81 -16.21 2.76
N GLN F 36 15.49 -15.10 3.08
CA GLN F 36 14.85 -14.07 3.90
C GLN F 36 13.59 -13.51 3.22
N PRO F 37 13.66 -12.97 2.00
CA PRO F 37 12.42 -12.43 1.40
C PRO F 37 11.44 -13.51 1.02
N LEU F 38 11.92 -14.70 0.62
CA LEU F 38 11.00 -15.77 0.28
C LEU F 38 10.18 -16.18 1.49
N LEU F 39 10.85 -16.31 2.64
CA LEU F 39 10.09 -16.64 3.84
C LEU F 39 9.15 -15.51 4.20
N GLN F 40 9.58 -14.26 4.00
CA GLN F 40 8.65 -13.17 4.33
C GLN F 40 7.43 -13.23 3.42
N SER F 41 7.64 -13.52 2.13
CA SER F 41 6.50 -13.62 1.25
C SER F 41 5.58 -14.74 1.71
N ALA F 42 6.19 -15.87 2.07
CA ALA F 42 5.40 -17.00 2.56
C ALA F 42 4.61 -16.57 3.80
N GLN F 43 5.27 -15.87 4.71
CA GLN F 43 4.60 -15.48 5.94
C GLN F 43 3.44 -14.53 5.63
N LEU F 44 3.66 -13.60 4.70
CA LEU F 44 2.63 -12.61 4.42
C LEU F 44 1.42 -13.27 3.82
N THR F 45 1.63 -14.32 3.02
CA THR F 45 0.57 -14.88 2.21
C THR F 45 -0.01 -16.13 2.83
N GLY F 46 0.47 -16.52 4.01
CA GLY F 46 -0.05 -17.69 4.68
C GLY F 46 0.31 -18.99 4.00
N MET F 47 1.47 -19.06 3.37
CA MET F 47 1.92 -20.31 2.80
C MET F 47 2.14 -21.31 3.91
N THR F 48 1.93 -22.58 3.62
CA THR F 48 2.35 -23.65 4.51
C THR F 48 3.79 -24.02 4.16
N VAL F 49 4.69 -23.88 5.11
CA VAL F 49 6.08 -24.21 4.86
C VAL F 49 6.43 -25.47 5.63
N THR F 50 7.34 -26.25 5.05
CA THR F 50 7.88 -27.44 5.68
C THR F 50 9.38 -27.23 5.85
N ILE F 51 9.81 -27.06 7.10
CA ILE F 51 11.23 -26.92 7.43
C ILE F 51 11.84 -28.31 7.39
N LYS F 52 12.93 -28.46 6.65
CA LYS F 52 13.59 -29.76 6.49
C LYS F 52 15.03 -29.64 6.96
N SER F 53 15.48 -30.59 7.78
CA SER F 53 16.82 -30.53 8.33
C SER F 53 17.17 -31.90 8.91
N SER F 54 18.47 -32.15 9.03
CA SER F 54 18.94 -33.33 9.74
C SER F 54 18.83 -33.17 11.25
N THR F 55 18.64 -31.96 11.75
CA THR F 55 18.43 -31.70 13.17
C THR F 55 17.13 -30.92 13.31
N CYS F 56 16.18 -31.47 14.04
CA CYS F 56 14.87 -30.84 14.14
C CYS F 56 14.59 -30.25 15.53
N GLU F 57 15.59 -30.19 16.40
CA GLU F 57 15.42 -29.54 17.69
C GLU F 57 15.14 -28.05 17.48
N SER F 58 14.15 -27.52 18.20
CA SER F 58 13.87 -26.08 18.15
C SER F 58 15.14 -25.30 18.47
N GLY F 59 15.35 -24.19 17.75
CA GLY F 59 16.59 -23.45 17.83
C GLY F 59 17.67 -23.92 16.87
N SER F 60 17.42 -24.96 16.08
CA SER F 60 18.41 -25.50 15.17
C SER F 60 18.40 -24.75 13.84
N GLY F 61 19.43 -25.02 13.04
CA GLY F 61 19.54 -24.39 11.74
C GLY F 61 18.85 -25.18 10.65
N PHE F 62 18.56 -24.50 9.54
CA PHE F 62 17.98 -25.19 8.39
C PHE F 62 18.42 -24.48 7.12
N ALA F 63 18.43 -25.23 6.02
CA ALA F 63 18.68 -24.64 4.72
C ALA F 63 17.82 -25.27 3.64
N GLU F 64 16.80 -26.05 4.01
CA GLU F 64 15.87 -26.64 3.06
C GLU F 64 14.47 -26.34 3.55
N VAL F 65 13.63 -25.78 2.68
CA VAL F 65 12.27 -25.50 3.10
C VAL F 65 11.36 -25.58 1.89
N GLN F 66 10.24 -26.25 2.06
CA GLN F 66 9.24 -26.35 1.00
C GLN F 66 8.15 -25.33 1.24
N PHE F 67 7.62 -24.78 0.14
CA PHE F 67 6.54 -23.79 0.17
C PHE F 67 5.32 -24.37 -0.52
N ASN F 68 4.19 -24.41 0.19
CA ASN F 68 2.93 -24.86 -0.36
C ASN F 68 1.87 -23.79 -0.19
N ASN F 69 0.99 -23.68 -1.17
CA ASN F 69 -0.26 -22.94 -0.98
C ASN F 69 -1.29 -23.87 -0.35
N ASP F 70 -2.45 -23.30 -0.02
CA ASP F 70 -3.59 -24.05 0.50
C ASP F 70 -3.98 -25.20 -0.44
N ARG G 1 -3.89 12.72 0.25
CA ARG G 1 -5.34 12.51 0.33
C ARG G 1 -6.09 13.83 0.58
N ARG G 2 -7.10 14.10 -0.24
CA ARG G 2 -7.91 15.30 -0.09
C ARG G 2 -8.96 15.10 1.00
N ALA G 3 -9.23 16.17 1.76
CA ALA G 3 -10.29 16.13 2.80
C ALA G 3 -11.63 16.67 2.23
N NH2 G 4 -11.52 17.49 1.19
N1 1PS H . 19.36 -30.94 -7.50
C1 1PS H . 20.39 -30.00 -7.68
C2 1PS H . 21.55 -30.36 -8.35
C3 1PS H . 19.52 -32.24 -8.01
C4 1PS H . 20.69 -32.58 -8.68
C5 1PS H . 21.71 -31.65 -8.85
C6 1PS H . 18.10 -30.58 -6.79
C7 1PS H . 18.09 -31.15 -5.37
C8 1PS H . 19.17 -30.44 -4.53
S1 1PS H . 19.30 -31.19 -2.87
O1 1PS H . 20.29 -30.38 -1.98
O2 1PS H . 19.82 -32.63 -3.02
O3 1PS H . 17.90 -31.20 -2.22
N1 1PS I . 18.75 -12.94 -26.44
C1 1PS I . 19.83 -12.60 -25.62
C2 1PS I . 20.98 -12.08 -26.20
C3 1PS I . 18.83 -12.76 -27.83
C4 1PS I . 19.99 -12.23 -28.39
C5 1PS I . 21.07 -11.90 -27.57
C6 1PS I . 17.51 -13.49 -25.88
C7 1PS I . 17.48 -15.01 -26.03
C8 1PS I . 18.44 -15.61 -25.01
S1 1PS I . 18.45 -17.41 -25.20
O1 1PS I . 19.33 -18.02 -24.11
O2 1PS I . 19.01 -17.79 -26.58
O3 1PS I . 16.99 -17.85 -25.10
N1 1PS J . 21.38 10.30 -15.14
C1 1PS J . 22.27 9.45 -14.48
C2 1PS J . 23.53 9.91 -14.11
C3 1PS J . 21.71 11.63 -15.41
C4 1PS J . 22.97 12.09 -15.03
C5 1PS J . 23.86 11.24 -14.39
C6 1PS J . 20.03 9.84 -15.54
C7 1PS J . 19.98 9.51 -17.02
C8 1PS J . 20.81 8.27 -17.26
S1 1PS J . 20.76 7.90 -19.04
O1 1PS J . 21.49 6.59 -19.29
O2 1PS J . 21.39 9.02 -19.84
O3 1PS J . 19.28 7.76 -19.40
N1 1PS K . 21.33 -18.57 15.37
C1 1PS K . 22.23 -18.30 14.32
C2 1PS K . 23.45 -18.97 14.24
C3 1PS K . 21.66 -19.52 16.34
C4 1PS K . 22.88 -20.19 16.23
C5 1PS K . 23.77 -19.92 15.19
C6 1PS K . 20.03 -17.85 15.47
C7 1PS K . 20.15 -16.64 16.41
C8 1PS K . 21.18 -15.66 15.83
S1 1PS K . 21.53 -14.27 16.97
O1 1PS K . 20.18 -13.62 17.37
O2 1PS K . 22.42 -13.25 16.25
O3 1PS K . 22.23 -14.79 18.23
C1 GOL L . 26.90 -15.00 4.18
O1 GOL L . 27.86 -15.19 5.18
C2 GOL L . 26.20 -16.36 4.13
O2 GOL L . 25.27 -16.48 5.16
C3 GOL L . 25.60 -16.51 2.74
O3 GOL L . 25.12 -17.84 2.68
#